data_9VX2
#
_entry.id   9VX2
#
_cell.length_a   73.719
_cell.length_b   191.099
_cell.length_c   177.383
_cell.angle_alpha   90.000
_cell.angle_beta   90.000
_cell.angle_gamma   90.000
#
_symmetry.space_group_name_H-M   'C 2 2 21'
#
loop_
_entity.id
_entity.type
_entity.pdbx_description
1 polymer 'HisMab-1 immunoglobulin heavy chain variable region'
2 polymer 'HisMab-1 immunoglobulin light chain variable region'
3 non-polymer 'SULFATE ION'
4 water water
#
loop_
_entity_poly.entity_id
_entity_poly.type
_entity_poly.pdbx_seq_one_letter_code
_entity_poly.pdbx_strand_id
1 'polypeptide(L)'
;EVQLQQFGAELVKPGASVKISCKASGYTFTDYNMDWVKQSHGKSLEWIGDINPNYDSTVYNQKFKGKATLTVDKSSSTAY
MELRSLTSEDTAIYYCARDGAYAMDHWGQGTSVTVSSAKTTPPSVYPLAPGCGDTTGSSVTLGCLVKGYFPESVTVTWNS
GSLSSSVHTFPALLQSGLYTMSSSVTVPSSTWPSQTVTCSVAHPASSTTVDKKLEPSGPISTINPC
;
A,C
2 'polypeptide(L)'
;DIVMTQSPSSLSVSAGEKVTMSCKSSQSLLNSGHQKNYLAWYQQKPGQPPKLLISGASTRESGVPDRFTGSGSGTDFTLT
ISSVQAEDLAVYYCQNDHRYPLTFGAGTKLELKRADAAPTVSIFPPSSEQLTSGGASVVCFLNNFYPKDINVKWKIDGSE
RQNGVLNSWTDQDSKDSTYSMSSTLTLTKDEYERHNSYTCEATHKTSTSPIVKSFNRNEC
;
B,D
#
loop_
_chem_comp.id
_chem_comp.type
_chem_comp.name
_chem_comp.formula
SO4 non-polymer 'SULFATE ION' 'O4 S -2'
#
# COMPACT_ATOMS: atom_id res chain seq x y z
N GLU A 1 -12.08 -33.31 29.53
CA GLU A 1 -12.17 -32.64 30.83
C GLU A 1 -13.13 -31.46 30.75
N VAL A 2 -12.61 -30.25 30.88
CA VAL A 2 -13.36 -29.05 30.52
C VAL A 2 -13.24 -28.85 29.02
N GLN A 3 -14.31 -28.36 28.40
CA GLN A 3 -14.36 -28.36 26.94
C GLN A 3 -15.31 -27.24 26.51
N LEU A 4 -14.89 -26.48 25.50
CA LEU A 4 -15.69 -25.37 24.99
C LEU A 4 -15.72 -25.50 23.47
N GLN A 5 -16.91 -25.72 22.92
CA GLN A 5 -17.12 -25.95 21.50
C GLN A 5 -17.74 -24.71 20.89
N GLN A 6 -17.02 -24.06 20.00
CA GLN A 6 -17.58 -22.91 19.31
C GLN A 6 -18.15 -23.31 17.97
N PHE A 7 -19.17 -22.57 17.55
CA PHE A 7 -19.85 -22.77 16.28
C PHE A 7 -20.21 -21.41 15.71
N GLY A 8 -20.37 -21.36 14.40
CA GLY A 8 -20.78 -20.12 13.79
C GLY A 8 -20.39 -20.04 12.33
N ALA A 9 -21.06 -19.13 11.63
CA ALA A 9 -20.83 -18.94 10.22
C ALA A 9 -19.40 -18.45 10.01
N GLU A 10 -18.69 -19.11 9.10
CA GLU A 10 -17.33 -18.67 8.80
C GLU A 10 -17.28 -17.64 7.69
N LEU A 11 -18.31 -17.57 6.85
CA LEU A 11 -18.41 -16.60 5.78
C LEU A 11 -19.69 -15.79 5.96
N VAL A 12 -19.53 -14.47 6.11
CA VAL A 12 -20.63 -13.56 6.39
C VAL A 12 -20.47 -12.30 5.55
N LYS A 13 -21.60 -11.81 5.01
CA LYS A 13 -21.52 -10.75 4.01
C LYS A 13 -21.36 -9.41 4.71
N PRO A 14 -20.64 -8.47 4.09
CA PRO A 14 -20.41 -7.17 4.72
C PRO A 14 -21.73 -6.48 5.06
N GLY A 15 -21.72 -5.77 6.19
CA GLY A 15 -22.88 -5.07 6.70
C GLY A 15 -23.93 -5.95 7.33
N ALA A 16 -23.75 -7.27 7.33
CA ALA A 16 -24.70 -8.17 7.96
C ALA A 16 -24.27 -8.41 9.41
N SER A 17 -24.80 -9.46 10.02
CA SER A 17 -24.48 -9.81 11.38
C SER A 17 -24.34 -11.32 11.49
N VAL A 18 -23.47 -11.76 12.40
CA VAL A 18 -23.31 -13.18 12.70
C VAL A 18 -23.40 -13.39 14.21
N LYS A 19 -23.96 -14.53 14.62
CA LYS A 19 -24.00 -14.90 16.03
C LYS A 19 -23.18 -16.16 16.23
N ILE A 20 -22.09 -16.06 16.99
CA ILE A 20 -21.22 -17.17 17.32
C ILE A 20 -21.72 -17.86 18.59
N SER A 21 -21.49 -19.16 18.71
CA SER A 21 -21.91 -19.92 19.87
C SER A 21 -20.70 -20.55 20.55
N CYS A 22 -20.88 -20.89 21.84
CA CYS A 22 -19.83 -21.51 22.63
C CYS A 22 -20.50 -22.43 23.66
N LYS A 23 -20.37 -23.74 23.45
CA LYS A 23 -21.04 -24.76 24.24
C LYS A 23 -20.08 -25.27 25.31
N ALA A 24 -20.47 -25.12 26.58
CA ALA A 24 -19.61 -25.44 27.71
C ALA A 24 -19.91 -26.83 28.24
N SER A 25 -18.87 -27.53 28.67
CA SER A 25 -18.98 -28.94 29.04
C SER A 25 -17.86 -29.30 30.01
N GLY A 26 -18.20 -30.09 31.02
CA GLY A 26 -17.20 -30.56 31.96
C GLY A 26 -17.03 -29.72 33.20
N TYR A 27 -17.91 -28.75 33.44
CA TYR A 27 -17.92 -27.88 34.61
C TYR A 27 -19.27 -27.17 34.62
N THR A 28 -19.59 -26.56 35.75
CA THR A 28 -20.88 -25.91 35.92
C THR A 28 -20.85 -24.57 35.21
N PHE A 29 -21.53 -24.48 34.07
CA PHE A 29 -21.53 -23.28 33.24
C PHE A 29 -21.68 -22.01 34.06
N THR A 30 -22.59 -22.02 35.02
CA THR A 30 -22.98 -20.79 35.71
C THR A 30 -22.06 -20.41 36.85
N ASP A 31 -21.13 -21.28 37.25
CA ASP A 31 -20.12 -20.97 38.26
C ASP A 31 -18.99 -20.05 37.77
N TYR A 32 -18.92 -19.74 36.47
CA TYR A 32 -17.83 -18.93 35.93
C TYR A 32 -18.38 -17.90 34.96
N ASN A 33 -17.55 -16.92 34.61
CA ASN A 33 -17.91 -16.01 33.53
C ASN A 33 -17.36 -16.54 32.21
N MET A 34 -17.83 -15.94 31.12
CA MET A 34 -17.31 -16.26 29.79
C MET A 34 -16.79 -14.98 29.16
N ASP A 35 -15.51 -14.98 28.80
CA ASP A 35 -14.85 -13.92 28.07
C ASP A 35 -14.89 -14.21 26.59
N TRP A 36 -14.90 -13.14 25.78
CA TRP A 36 -14.70 -13.29 24.35
C TRP A 36 -13.51 -12.46 23.92
N VAL A 37 -12.82 -12.94 22.89
CA VAL A 37 -11.49 -12.44 22.55
C VAL A 37 -11.31 -12.49 21.04
N LYS A 38 -10.88 -11.37 20.48
CA LYS A 38 -10.61 -11.24 19.05
C LYS A 38 -9.12 -11.37 18.81
N GLN A 39 -8.73 -12.30 17.93
CA GLN A 39 -7.37 -12.39 17.40
C GLN A 39 -7.41 -12.03 15.93
N SER A 40 -6.71 -10.96 15.57
CA SER A 40 -6.63 -10.49 14.18
C SER A 40 -5.25 -10.74 13.60
N HIS A 41 -5.24 -11.21 12.33
CA HIS A 41 -4.01 -11.53 11.57
C HIS A 41 -3.11 -12.51 12.30
N GLY A 42 -3.70 -13.42 13.07
CA GLY A 42 -2.90 -14.37 13.84
C GLY A 42 -2.01 -13.71 14.89
N LYS A 43 -2.27 -12.44 15.21
CA LYS A 43 -1.27 -11.76 16.02
C LYS A 43 -1.86 -11.20 17.30
N SER A 44 -2.63 -10.11 17.20
CA SER A 44 -2.96 -9.31 18.37
C SER A 44 -4.25 -9.85 18.99
N LEU A 45 -4.17 -10.18 20.27
CA LEU A 45 -5.32 -10.58 21.08
C LEU A 45 -5.96 -9.36 21.71
N GLU A 46 -7.21 -9.06 21.36
CA GLU A 46 -7.99 -8.04 22.05
C GLU A 46 -9.16 -8.65 22.81
N TRP A 47 -9.33 -8.24 24.06
CA TRP A 47 -10.49 -8.64 24.87
C TRP A 47 -11.75 -7.93 24.40
N ILE A 48 -12.83 -8.68 24.20
CA ILE A 48 -14.07 -8.07 23.74
C ILE A 48 -14.97 -7.70 24.92
N GLY A 49 -15.19 -8.64 25.83
CA GLY A 49 -16.15 -8.41 26.89
C GLY A 49 -16.32 -9.64 27.76
N ASP A 50 -17.11 -9.45 28.82
CA ASP A 50 -17.40 -10.41 29.89
C ASP A 50 -18.91 -10.62 30.03
N ILE A 51 -19.32 -11.84 30.33
CA ILE A 51 -20.70 -12.09 30.70
C ILE A 51 -20.71 -13.01 31.90
N ASN A 52 -21.49 -12.61 32.91
CA ASN A 52 -21.86 -13.44 34.04
C ASN A 52 -23.15 -14.16 33.71
N PRO A 53 -23.13 -15.50 33.59
CA PRO A 53 -24.37 -16.20 33.22
C PRO A 53 -25.45 -16.20 34.31
N ASN A 54 -25.14 -15.81 35.54
CA ASN A 54 -26.17 -15.76 36.59
C ASN A 54 -27.05 -14.54 36.44
N TYR A 55 -26.44 -13.37 36.23
CA TYR A 55 -27.13 -12.10 36.26
C TYR A 55 -27.35 -11.50 34.88
N ASP A 56 -26.84 -12.16 33.83
CA ASP A 56 -26.78 -11.57 32.48
C ASP A 56 -25.99 -10.25 32.51
N SER A 57 -25.02 -10.18 33.43
CA SER A 57 -24.23 -8.98 33.61
C SER A 57 -23.06 -8.99 32.63
N THR A 58 -22.89 -7.89 31.90
CA THR A 58 -21.90 -7.79 30.83
C THR A 58 -21.03 -6.56 31.00
N VAL A 59 -19.73 -6.72 30.73
CA VAL A 59 -18.76 -5.63 30.74
C VAL A 59 -18.00 -5.63 29.42
N TYR A 60 -18.24 -4.61 28.59
CA TYR A 60 -17.65 -4.54 27.27
C TYR A 60 -16.37 -3.72 27.28
N ASN A 61 -15.46 -4.08 26.39
CA ASN A 61 -14.46 -3.12 25.95
C ASN A 61 -15.17 -2.06 25.15
N GLN A 62 -14.81 -0.80 25.39
CA GLN A 62 -15.52 0.27 24.69
C GLN A 62 -15.35 0.14 23.19
N LYS A 63 -14.15 -0.25 22.75
CA LYS A 63 -13.87 -0.48 21.33
C LYS A 63 -14.95 -1.33 20.67
N PHE A 64 -15.48 -2.31 21.39
CA PHE A 64 -16.42 -3.28 20.84
C PHE A 64 -17.87 -3.01 21.23
N LYS A 65 -18.13 -1.93 21.94
CA LYS A 65 -19.51 -1.58 22.30
C LYS A 65 -20.33 -1.30 21.04
N GLY A 66 -21.49 -1.93 20.95
CA GLY A 66 -22.33 -1.82 19.77
C GLY A 66 -22.01 -2.85 18.69
N LYS A 67 -20.73 -3.09 18.43
CA LYS A 67 -20.34 -4.19 17.55
C LYS A 67 -20.77 -5.53 18.12
N ALA A 68 -20.20 -5.92 19.26
CA ALA A 68 -20.47 -7.21 19.86
C ALA A 68 -21.54 -7.10 20.94
N THR A 69 -22.26 -8.20 21.16
CA THR A 69 -23.28 -8.30 22.19
C THR A 69 -23.28 -9.72 22.75
N LEU A 70 -22.99 -9.83 24.06
CA LEU A 70 -22.86 -11.12 24.71
C LEU A 70 -24.17 -11.56 25.32
N THR A 71 -24.43 -12.86 25.24
CA THR A 71 -25.64 -13.45 25.77
C THR A 71 -25.29 -14.87 26.19
N VAL A 72 -26.17 -15.49 26.99
CA VAL A 72 -26.04 -16.90 27.32
C VAL A 72 -27.42 -17.53 27.27
N ASP A 73 -27.43 -18.86 27.28
CA ASP A 73 -28.63 -19.68 27.45
C ASP A 73 -28.23 -20.75 28.46
N LYS A 74 -28.57 -20.50 29.74
CA LYS A 74 -28.13 -21.38 30.82
C LYS A 74 -28.68 -22.78 30.63
N SER A 75 -29.89 -22.88 30.06
CA SER A 75 -30.50 -24.17 29.74
C SER A 75 -29.52 -25.11 29.05
N SER A 76 -28.88 -24.65 27.98
CA SER A 76 -27.98 -25.50 27.21
C SER A 76 -26.51 -25.24 27.50
N SER A 77 -26.22 -24.36 28.47
CA SER A 77 -24.84 -24.07 28.89
C SER A 77 -24.02 -23.57 27.70
N THR A 78 -24.57 -22.55 27.04
CA THR A 78 -24.02 -22.03 25.81
C THR A 78 -24.01 -20.52 25.89
N ALA A 79 -22.88 -19.91 25.50
CA ALA A 79 -22.74 -18.47 25.38
C ALA A 79 -22.77 -18.08 23.92
N TYR A 80 -23.25 -16.88 23.63
CA TYR A 80 -23.39 -16.41 22.27
C TYR A 80 -22.76 -15.03 22.17
N MET A 81 -21.97 -14.81 21.12
CA MET A 81 -21.55 -13.47 20.75
C MET A 81 -22.18 -13.12 19.42
N GLU A 82 -22.78 -11.94 19.35
CA GLU A 82 -23.36 -11.46 18.12
C GLU A 82 -22.59 -10.22 17.72
N LEU A 83 -21.98 -10.26 16.55
CA LEU A 83 -21.37 -9.09 15.95
C LEU A 83 -22.34 -8.60 14.88
N ARG A 84 -22.29 -7.30 14.63
CA ARG A 84 -23.29 -6.63 13.81
C ARG A 84 -22.58 -5.60 12.96
N SER A 85 -23.21 -5.24 11.85
CA SER A 85 -22.64 -4.24 10.93
C SER A 85 -21.24 -4.69 10.47
N LEU A 86 -21.15 -5.95 10.05
CA LEU A 86 -19.85 -6.53 9.74
C LEU A 86 -19.09 -5.79 8.65
N THR A 87 -17.78 -5.74 8.81
CA THR A 87 -16.87 -4.91 8.03
C THR A 87 -15.58 -5.69 7.87
N SER A 88 -14.72 -5.27 6.94
CA SER A 88 -13.53 -6.05 6.70
C SER A 88 -12.63 -6.04 7.93
N GLU A 89 -12.72 -5.01 8.77
CA GLU A 89 -11.95 -5.06 10.01
C GLU A 89 -12.48 -6.08 11.00
N ASP A 90 -13.71 -6.56 10.82
CA ASP A 90 -14.22 -7.61 11.70
C ASP A 90 -13.75 -9.02 11.33
N THR A 91 -12.98 -9.16 10.26
CA THR A 91 -12.50 -10.48 9.83
C THR A 91 -11.37 -10.94 10.74
N ALA A 92 -11.59 -12.03 11.48
CA ALA A 92 -10.59 -12.48 12.44
C ALA A 92 -11.03 -13.82 13.01
N ILE A 93 -10.30 -14.28 14.03
CA ILE A 93 -10.64 -15.44 14.84
C ILE A 93 -11.24 -14.95 16.16
N TYR A 94 -12.37 -15.53 16.54
CA TYR A 94 -13.05 -15.16 17.78
C TYR A 94 -13.02 -16.34 18.74
N TYR A 95 -12.47 -16.12 19.93
CA TYR A 95 -12.42 -17.14 20.96
C TYR A 95 -13.37 -16.79 22.10
N CYS A 96 -14.01 -17.82 22.66
CA CYS A 96 -14.60 -17.73 23.98
C CYS A 96 -13.64 -18.39 24.97
N ALA A 97 -13.70 -17.95 26.23
CA ALA A 97 -12.87 -18.56 27.26
C ALA A 97 -13.55 -18.41 28.61
N ARG A 98 -13.33 -19.41 29.47
CA ARG A 98 -13.87 -19.41 30.83
C ARG A 98 -13.01 -18.55 31.75
N ASP A 99 -13.62 -17.56 32.39
CA ASP A 99 -12.93 -16.62 33.28
C ASP A 99 -13.36 -16.85 34.73
N GLY A 100 -12.44 -17.37 35.54
CA GLY A 100 -12.65 -17.37 36.98
C GLY A 100 -11.50 -16.75 37.77
N ALA A 101 -11.09 -17.45 38.83
CA ALA A 101 -10.01 -16.97 39.70
C ALA A 101 -8.65 -17.15 39.08
N TYR A 102 -8.55 -17.87 37.96
CA TYR A 102 -7.30 -18.16 37.29
C TYR A 102 -7.30 -17.59 35.86
N ALA A 103 -7.88 -16.40 35.70
CA ALA A 103 -7.95 -15.71 34.42
C ALA A 103 -8.58 -16.65 33.38
N MET A 104 -8.17 -16.58 32.11
CA MET A 104 -8.86 -17.37 31.09
C MET A 104 -8.21 -18.74 31.02
N ASP A 105 -8.79 -19.72 31.72
CA ASP A 105 -8.09 -20.99 31.92
C ASP A 105 -8.52 -22.08 30.94
N HIS A 106 -9.61 -21.88 30.20
CA HIS A 106 -9.95 -22.78 29.12
C HIS A 106 -10.57 -21.96 28.01
N TRP A 107 -10.11 -22.21 26.80
CA TRP A 107 -10.48 -21.47 25.60
C TRP A 107 -11.20 -22.40 24.64
N GLY A 108 -12.18 -21.88 23.92
CA GLY A 108 -12.69 -22.59 22.77
C GLY A 108 -11.64 -22.68 21.66
N GLN A 109 -11.99 -23.39 20.59
CA GLN A 109 -11.03 -23.59 19.50
C GLN A 109 -11.07 -22.46 18.48
N GLY A 110 -11.93 -21.48 18.69
CA GLY A 110 -12.01 -20.30 17.86
C GLY A 110 -13.00 -20.44 16.71
N THR A 111 -13.70 -19.39 16.37
CA THR A 111 -14.47 -19.34 15.15
C THR A 111 -13.82 -18.33 14.21
N SER A 112 -13.29 -18.84 13.10
CA SER A 112 -12.75 -17.98 12.05
C SER A 112 -13.89 -17.32 11.29
N VAL A 113 -13.91 -16.00 11.27
CA VAL A 113 -14.98 -15.27 10.60
C VAL A 113 -14.39 -14.45 9.45
N THR A 114 -14.99 -14.59 8.27
CA THR A 114 -14.55 -13.88 7.07
C THR A 114 -15.69 -13.02 6.57
N VAL A 115 -15.47 -11.71 6.55
CA VAL A 115 -16.45 -10.78 6.00
C VAL A 115 -16.06 -10.55 4.55
N SER A 116 -17.00 -10.81 3.64
CA SER A 116 -16.71 -10.81 2.22
C SER A 116 -18.02 -10.98 1.45
N SER A 117 -18.09 -10.32 0.31
CA SER A 117 -19.23 -10.57 -0.58
C SER A 117 -19.03 -11.79 -1.46
N ALA A 118 -17.85 -12.41 -1.44
CA ALA A 118 -17.63 -13.59 -2.27
C ALA A 118 -18.45 -14.77 -1.76
N LYS A 119 -18.72 -15.70 -2.66
CA LYS A 119 -19.46 -16.90 -2.33
C LYS A 119 -18.51 -18.03 -1.95
N THR A 120 -19.05 -19.04 -1.29
CA THR A 120 -18.22 -20.14 -0.84
C THR A 120 -17.86 -21.07 -2.00
N THR A 121 -16.62 -21.55 -2.00
CA THR A 121 -16.08 -22.41 -3.07
C THR A 121 -15.31 -23.59 -2.50
N PRO A 122 -15.75 -24.82 -2.72
CA PRO A 122 -15.05 -25.96 -2.13
C PRO A 122 -13.76 -26.26 -2.88
N PRO A 123 -12.80 -26.90 -2.23
CA PRO A 123 -11.48 -27.07 -2.83
C PRO A 123 -11.44 -28.24 -3.79
N SER A 124 -10.59 -28.09 -4.82
CA SER A 124 -10.13 -29.21 -5.64
C SER A 124 -8.98 -29.89 -4.92
N VAL A 125 -9.00 -31.21 -4.91
CA VAL A 125 -8.03 -31.99 -4.17
C VAL A 125 -7.28 -32.87 -5.17
N TYR A 126 -6.00 -32.61 -5.33
CA TYR A 126 -5.15 -33.20 -6.36
C TYR A 126 -4.06 -34.00 -5.66
N PRO A 127 -3.92 -35.29 -5.92
CA PRO A 127 -2.90 -36.09 -5.24
C PRO A 127 -1.52 -35.83 -5.82
N LEU A 128 -0.54 -35.89 -4.93
CA LEU A 128 0.86 -35.68 -5.26
C LEU A 128 1.56 -37.01 -5.00
N ALA A 129 1.84 -37.74 -6.06
CA ALA A 129 2.44 -39.06 -5.96
C ALA A 129 3.72 -39.10 -6.80
N PRO A 130 4.77 -39.77 -6.33
CA PRO A 130 5.98 -39.86 -7.14
C PRO A 130 5.61 -40.49 -8.46
N GLY A 131 5.98 -39.84 -9.54
CA GLY A 131 5.57 -40.34 -10.84
C GLY A 131 6.75 -40.61 -11.74
N CYS A 132 6.47 -40.87 -13.01
CA CYS A 132 7.54 -41.15 -14.00
C CYS A 132 8.36 -42.33 -13.47
N GLY A 133 9.69 -42.26 -13.56
CA GLY A 133 10.54 -43.23 -12.90
C GLY A 133 11.39 -42.60 -11.82
N ASP A 134 10.88 -42.60 -10.59
CA ASP A 134 11.59 -42.07 -9.43
C ASP A 134 12.19 -43.23 -8.64
N THR A 135 13.32 -42.96 -7.99
CA THR A 135 13.88 -43.87 -6.99
C THR A 135 12.80 -44.26 -5.97
N THR A 136 12.73 -45.56 -5.68
CA THR A 136 11.80 -46.02 -4.65
C THR A 136 12.16 -45.44 -3.29
N GLY A 137 13.46 -45.32 -2.99
CA GLY A 137 13.92 -44.75 -1.74
C GLY A 137 13.55 -45.52 -0.49
N SER A 138 14.23 -45.25 0.62
CA SER A 138 13.87 -45.91 1.88
C SER A 138 12.56 -45.34 2.45
N SER A 139 12.25 -44.08 2.15
CA SER A 139 10.98 -43.47 2.49
C SER A 139 10.39 -42.86 1.23
N VAL A 140 9.12 -42.49 1.30
CA VAL A 140 8.44 -41.86 0.19
C VAL A 140 7.52 -40.76 0.70
N THR A 141 7.64 -39.58 0.10
CA THR A 141 6.81 -38.43 0.40
C THR A 141 5.67 -38.40 -0.60
N LEU A 142 4.45 -38.39 -0.08
CA LEU A 142 3.22 -38.16 -0.81
C LEU A 142 2.61 -36.83 -0.37
N GLY A 143 1.75 -36.26 -1.20
CA GLY A 143 1.15 -34.99 -0.86
C GLY A 143 -0.24 -34.88 -1.45
N CYS A 144 -0.94 -33.83 -1.00
CA CYS A 144 -2.20 -33.42 -1.58
C CYS A 144 -2.16 -31.92 -1.79
N LEU A 145 -2.70 -31.48 -2.90
CA LEU A 145 -2.77 -30.08 -3.29
C LEU A 145 -4.24 -29.68 -3.20
N VAL A 146 -4.55 -28.79 -2.27
CA VAL A 146 -5.90 -28.36 -1.99
C VAL A 146 -6.04 -26.97 -2.56
N LYS A 147 -6.83 -26.83 -3.62
CA LYS A 147 -6.71 -25.68 -4.52
C LYS A 147 -8.06 -25.03 -4.78
N GLY A 148 -8.08 -23.71 -4.88
CA GLY A 148 -9.27 -23.02 -5.33
C GLY A 148 -10.43 -22.93 -4.34
N TYR A 149 -10.15 -22.78 -3.06
CA TYR A 149 -11.27 -22.81 -2.12
C TYR A 149 -11.43 -21.49 -1.37
N PHE A 150 -12.63 -21.31 -0.85
CA PHE A 150 -12.91 -20.09 -0.12
C PHE A 150 -14.15 -20.29 0.75
N PRO A 151 -14.14 -19.86 2.01
CA PRO A 151 -13.05 -19.21 2.77
C PRO A 151 -12.02 -20.21 3.27
N GLU A 152 -11.12 -19.79 4.17
CA GLU A 152 -9.82 -20.44 4.29
C GLU A 152 -9.80 -21.72 5.13
N SER A 153 -10.73 -21.91 6.06
CA SER A 153 -10.59 -23.03 6.99
C SER A 153 -10.69 -24.36 6.26
N VAL A 154 -9.62 -25.14 6.33
CA VAL A 154 -9.55 -26.46 5.73
C VAL A 154 -8.70 -27.31 6.66
N THR A 155 -9.03 -28.60 6.77
CA THR A 155 -8.19 -29.51 7.53
C THR A 155 -7.97 -30.76 6.72
N VAL A 156 -6.72 -31.21 6.68
CA VAL A 156 -6.29 -32.35 5.91
C VAL A 156 -5.87 -33.44 6.89
N THR A 157 -6.62 -34.53 6.88
CA THR A 157 -6.33 -35.74 7.65
C THR A 157 -5.78 -36.82 6.73
N TRP A 158 -4.69 -37.46 7.15
CA TRP A 158 -4.04 -38.54 6.43
C TRP A 158 -4.36 -39.88 7.10
N ASN A 159 -5.03 -40.77 6.37
CA ASN A 159 -5.38 -42.11 6.87
C ASN A 159 -6.07 -42.03 8.24
N SER A 160 -7.04 -41.11 8.36
CA SER A 160 -7.84 -40.94 9.58
C SER A 160 -6.97 -40.71 10.82
N GLY A 161 -5.79 -40.11 10.65
CA GLY A 161 -4.89 -39.81 11.74
C GLY A 161 -3.76 -40.81 11.97
N SER A 162 -3.85 -42.02 11.38
CA SER A 162 -2.84 -43.05 11.58
C SER A 162 -1.44 -42.56 11.25
N LEU A 163 -1.32 -41.75 10.21
CA LEU A 163 -0.05 -41.14 9.81
C LEU A 163 -0.09 -39.66 10.17
N SER A 164 -0.05 -39.37 11.48
CA SER A 164 -0.10 -37.99 11.98
C SER A 164 1.29 -37.38 12.12
N SER A 165 2.26 -38.15 12.60
CA SER A 165 3.65 -37.73 12.53
C SER A 165 4.08 -37.64 11.07
N SER A 166 5.19 -36.96 10.83
CA SER A 166 5.77 -36.78 9.50
C SER A 166 4.79 -36.09 8.54
N VAL A 167 3.88 -35.28 9.09
CA VAL A 167 2.93 -34.51 8.30
C VAL A 167 3.37 -33.06 8.30
N HIS A 168 3.35 -32.43 7.14
CA HIS A 168 3.65 -31.01 7.00
C HIS A 168 2.41 -30.32 6.46
N THR A 169 1.95 -29.30 7.18
CA THR A 169 0.86 -28.46 6.73
C THR A 169 1.49 -27.20 6.18
N PHE A 170 1.21 -26.89 4.92
CA PHE A 170 1.79 -25.71 4.28
C PHE A 170 0.75 -24.63 4.23
N PRO A 171 0.98 -23.50 4.90
CA PRO A 171 -0.08 -22.51 5.11
C PRO A 171 -0.62 -21.96 3.82
N ALA A 172 -1.91 -21.68 3.81
CA ALA A 172 -2.59 -21.33 2.57
C ALA A 172 -2.14 -19.96 2.10
N LEU A 173 -2.24 -19.75 0.81
CA LEU A 173 -1.96 -18.46 0.22
C LEU A 173 -3.15 -18.07 -0.63
N LEU A 174 -3.46 -16.79 -0.62
CA LEU A 174 -4.65 -16.28 -1.28
C LEU A 174 -4.21 -15.65 -2.58
N GLN A 175 -4.88 -16.02 -3.67
CA GLN A 175 -4.50 -15.59 -5.01
C GLN A 175 -5.76 -15.55 -5.87
N SER A 176 -6.12 -14.36 -6.33
CA SER A 176 -7.30 -14.17 -7.15
C SER A 176 -8.55 -14.61 -6.41
N GLY A 177 -8.64 -14.20 -5.13
CA GLY A 177 -9.80 -14.46 -4.29
C GLY A 177 -10.02 -15.90 -3.90
N LEU A 178 -9.05 -16.77 -4.13
CA LEU A 178 -9.15 -18.18 -3.78
C LEU A 178 -7.89 -18.62 -3.06
N TYR A 179 -8.04 -19.57 -2.17
CA TYR A 179 -6.95 -20.11 -1.40
C TYR A 179 -6.42 -21.38 -2.03
N THR A 180 -5.14 -21.65 -1.80
CA THR A 180 -4.50 -22.92 -2.11
C THR A 180 -3.54 -23.24 -0.98
N MET A 181 -3.63 -24.45 -0.45
CA MET A 181 -2.63 -24.98 0.47
C MET A 181 -2.24 -26.37 0.00
N SER A 182 -1.23 -26.95 0.63
CA SER A 182 -0.88 -28.33 0.33
C SER A 182 -0.47 -28.99 1.64
N SER A 183 -0.33 -30.30 1.60
CA SER A 183 -0.05 -31.06 2.81
C SER A 183 0.78 -32.27 2.43
N SER A 184 1.94 -32.45 3.04
CA SER A 184 2.79 -33.57 2.67
C SER A 184 2.86 -34.56 3.83
N VAL A 185 3.06 -35.81 3.48
CA VAL A 185 3.30 -36.88 4.44
C VAL A 185 4.46 -37.74 3.93
N THR A 186 5.22 -38.31 4.86
CA THR A 186 6.36 -39.14 4.51
C THR A 186 6.25 -40.45 5.28
N VAL A 187 6.33 -41.56 4.55
CA VAL A 187 6.10 -42.89 5.13
C VAL A 187 7.18 -43.83 4.60
N PRO A 188 7.37 -44.97 5.26
CA PRO A 188 8.29 -45.99 4.73
C PRO A 188 7.85 -46.41 3.34
N SER A 189 8.82 -46.81 2.51
CA SER A 189 8.41 -47.34 1.21
C SER A 189 7.81 -48.73 1.34
N SER A 190 8.07 -49.45 2.43
CA SER A 190 7.31 -50.67 2.72
C SER A 190 5.82 -50.40 2.92
N THR A 191 5.45 -49.14 3.13
CA THR A 191 4.06 -48.78 3.35
C THR A 191 3.30 -48.55 2.05
N TRP A 192 3.88 -47.76 1.14
CA TRP A 192 3.21 -47.32 -0.07
C TRP A 192 4.05 -47.64 -1.28
N PRO A 193 3.43 -48.14 -2.36
CA PRO A 193 1.98 -48.24 -2.56
C PRO A 193 1.35 -49.53 -2.06
N SER A 194 2.07 -50.41 -1.37
CA SER A 194 1.46 -51.67 -0.96
C SER A 194 0.19 -51.45 -0.14
N GLN A 195 0.14 -50.37 0.64
CA GLN A 195 -1.00 -50.02 1.48
C GLN A 195 -1.62 -48.70 1.05
N THR A 196 -2.92 -48.60 1.27
CA THR A 196 -3.68 -47.46 0.79
C THR A 196 -3.41 -46.26 1.67
N VAL A 197 -3.08 -45.14 1.04
CA VAL A 197 -2.89 -43.86 1.70
C VAL A 197 -3.91 -42.90 1.10
N THR A 198 -4.61 -42.18 1.96
CA THR A 198 -5.70 -41.30 1.59
C THR A 198 -5.53 -39.98 2.31
N CYS A 199 -5.77 -38.86 1.61
CA CYS A 199 -5.88 -37.57 2.28
C CYS A 199 -7.34 -37.17 2.29
N SER A 200 -7.81 -36.79 3.45
CA SER A 200 -9.19 -36.42 3.67
C SER A 200 -9.23 -34.91 3.88
N VAL A 201 -9.93 -34.21 3.01
CA VAL A 201 -9.94 -32.76 2.98
C VAL A 201 -11.33 -32.28 3.37
N ALA A 202 -11.43 -31.76 4.59
CA ALA A 202 -12.70 -31.25 5.09
C ALA A 202 -12.71 -29.73 4.93
N HIS A 203 -13.73 -29.22 4.25
CA HIS A 203 -13.94 -27.79 4.10
C HIS A 203 -15.30 -27.45 4.69
N PRO A 204 -15.36 -27.21 6.00
CA PRO A 204 -16.68 -27.01 6.64
C PRO A 204 -17.52 -25.92 5.99
N ALA A 205 -16.89 -24.80 5.61
CA ALA A 205 -17.64 -23.68 5.05
C ALA A 205 -18.53 -24.08 3.87
N SER A 206 -18.22 -25.18 3.19
CA SER A 206 -19.06 -25.69 2.12
C SER A 206 -19.69 -27.03 2.44
N SER A 207 -19.47 -27.54 3.65
CA SER A 207 -19.96 -28.86 4.08
C SER A 207 -19.53 -29.93 3.09
N THR A 208 -18.30 -29.81 2.62
CA THR A 208 -17.72 -30.79 1.73
C THR A 208 -16.57 -31.50 2.42
N THR A 209 -16.50 -32.82 2.23
CA THR A 209 -15.34 -33.62 2.54
C THR A 209 -14.94 -34.41 1.30
N VAL A 210 -13.65 -34.55 1.08
CA VAL A 210 -13.15 -35.15 -0.16
C VAL A 210 -12.01 -36.07 0.19
N ASP A 211 -12.18 -37.35 -0.09
CA ASP A 211 -11.14 -38.34 0.10
C ASP A 211 -10.46 -38.58 -1.24
N LYS A 212 -9.17 -38.36 -1.29
CA LYS A 212 -8.39 -38.66 -2.48
C LYS A 212 -7.36 -39.72 -2.12
N LYS A 213 -7.38 -40.83 -2.85
CA LYS A 213 -6.41 -41.89 -2.64
C LYS A 213 -5.18 -41.59 -3.45
N LEU A 214 -4.01 -41.89 -2.89
CA LEU A 214 -2.72 -41.65 -3.54
C LEU A 214 -2.34 -42.93 -4.29
N GLU A 215 -2.42 -42.90 -5.63
CA GLU A 215 -2.29 -44.10 -6.46
C GLU A 215 -0.94 -44.17 -7.15
N PRO A 216 -0.32 -45.36 -7.17
CA PRO A 216 0.93 -45.52 -7.93
C PRO A 216 0.69 -45.24 -9.41
N SER A 217 1.76 -44.79 -10.08
CA SER A 217 1.65 -44.38 -11.47
C SER A 217 1.71 -45.57 -12.41
N GLY A 218 2.49 -46.60 -12.07
CA GLY A 218 2.49 -47.86 -12.76
C GLY A 218 2.56 -49.01 -11.77
N PRO A 219 2.44 -50.24 -12.26
CA PRO A 219 2.65 -51.40 -11.39
C PRO A 219 4.09 -51.49 -10.90
N ILE A 220 4.27 -52.12 -9.74
CA ILE A 220 5.60 -52.32 -9.17
C ILE A 220 6.08 -53.75 -9.35
N ASP B 1 -7.12 2.18 30.28
CA ASP B 1 -6.66 0.89 29.73
C ASP B 1 -5.21 0.60 30.14
N ILE B 2 -4.98 -0.54 30.79
CA ILE B 2 -3.62 -0.92 31.12
C ILE B 2 -2.88 -1.39 29.87
N VAL B 3 -1.63 -0.98 29.76
CA VAL B 3 -0.80 -1.20 28.58
C VAL B 3 0.25 -2.25 28.93
N MET B 4 0.21 -3.39 28.21
CA MET B 4 1.15 -4.48 28.42
C MET B 4 2.21 -4.44 27.32
N THR B 5 3.46 -4.61 27.72
CA THR B 5 4.61 -4.33 26.86
C THR B 5 5.57 -5.48 27.06
N GLN B 6 5.67 -6.37 26.06
CA GLN B 6 6.53 -7.53 26.19
C GLN B 6 7.85 -7.33 25.45
N SER B 7 8.89 -8.02 25.95
CA SER B 7 10.21 -7.82 25.44
C SER B 7 10.98 -9.10 25.70
N PRO B 8 11.78 -9.60 24.75
CA PRO B 8 11.99 -9.16 23.37
C PRO B 8 10.85 -9.59 22.47
N SER B 9 10.66 -8.97 21.30
CA SER B 9 9.59 -9.41 20.42
C SER B 9 9.83 -10.82 19.90
N SER B 10 11.09 -11.27 19.88
CA SER B 10 11.46 -12.59 19.38
C SER B 10 12.70 -13.06 20.13
N LEU B 11 12.89 -14.38 20.15
CA LEU B 11 13.95 -14.98 20.97
C LEU B 11 14.27 -16.37 20.46
N SER B 12 15.51 -16.59 20.02
CA SER B 12 15.96 -17.88 19.49
C SER B 12 17.00 -18.50 20.42
N VAL B 13 16.83 -19.77 20.74
CA VAL B 13 17.76 -20.49 21.62
C VAL B 13 17.81 -21.96 21.19
N SER B 14 18.72 -22.71 21.80
CA SER B 14 18.87 -24.13 21.53
C SER B 14 18.19 -24.95 22.62
N ALA B 15 17.79 -26.16 22.26
CA ALA B 15 17.20 -27.05 23.24
C ALA B 15 18.13 -27.20 24.44
N GLY B 16 17.54 -27.25 25.63
CA GLY B 16 18.29 -27.32 26.86
C GLY B 16 18.60 -25.98 27.51
N GLU B 17 18.70 -24.90 26.73
CA GLU B 17 19.00 -23.60 27.29
C GLU B 17 17.88 -23.10 28.19
N LYS B 18 18.13 -21.96 28.85
CA LYS B 18 17.12 -21.26 29.64
C LYS B 18 16.85 -19.90 28.99
N VAL B 19 15.59 -19.46 29.06
CA VAL B 19 15.19 -18.19 28.48
C VAL B 19 14.47 -17.35 29.54
N THR B 20 14.09 -16.15 29.12
CA THR B 20 13.57 -15.12 29.98
C THR B 20 12.83 -14.13 29.09
N MET B 21 11.60 -13.79 29.47
CA MET B 21 10.83 -12.80 28.73
C MET B 21 10.33 -11.75 29.70
N SER B 22 10.25 -10.53 29.23
CA SER B 22 9.78 -9.42 30.03
C SER B 22 8.36 -9.07 29.62
N CYS B 23 7.55 -8.76 30.63
CA CYS B 23 6.24 -8.13 30.49
C CYS B 23 6.22 -6.95 31.45
N LYS B 24 5.86 -5.78 30.96
CA LYS B 24 5.76 -4.58 31.77
C LYS B 24 4.40 -3.95 31.59
N SER B 25 3.71 -3.66 32.70
CA SER B 25 2.42 -2.99 32.64
C SER B 25 2.58 -1.51 32.90
N SER B 26 1.64 -0.72 32.38
CA SER B 26 1.64 0.71 32.60
C SER B 26 1.10 1.08 34.00
N GLN B 27 0.23 0.26 34.59
CA GLN B 27 -0.19 0.45 35.98
C GLN B 27 0.05 -0.85 36.74
N SER B 28 0.03 -0.75 38.06
CA SER B 28 0.29 -1.91 38.89
C SER B 28 -0.83 -2.93 38.74
N LEU B 29 -0.46 -4.20 38.83
CA LEU B 29 -1.43 -5.29 38.79
C LEU B 29 -1.70 -5.87 40.17
N LEU B 30 -1.03 -5.38 41.20
CA LEU B 30 -1.19 -5.89 42.55
C LEU B 30 -2.59 -5.61 43.08
N ASN B 31 -3.27 -6.67 43.49
CA ASN B 31 -4.51 -6.56 44.24
C ASN B 31 -4.09 -6.54 45.70
N SER B 32 -4.05 -5.35 46.30
CA SER B 32 -3.58 -5.28 47.68
C SER B 32 -4.51 -6.02 48.64
N GLY B 33 -5.82 -6.03 48.36
CA GLY B 33 -6.72 -6.95 49.05
C GLY B 33 -6.27 -8.40 49.03
N HIS B 34 -6.01 -8.95 47.83
CA HIS B 34 -5.63 -10.36 47.78
C HIS B 34 -4.15 -10.58 48.04
N GLN B 35 -3.36 -9.53 48.11
CA GLN B 35 -1.90 -9.65 48.11
C GLN B 35 -1.44 -10.59 46.99
N LYS B 36 -2.05 -10.48 45.81
CA LYS B 36 -1.61 -11.21 44.62
C LYS B 36 -1.54 -10.28 43.42
N ASN B 37 -0.63 -10.58 42.50
CA ASN B 37 -0.50 -9.83 41.26
C ASN B 37 -1.28 -10.55 40.17
N TYR B 38 -2.26 -9.88 39.55
CA TYR B 38 -3.10 -10.57 38.59
C TYR B 38 -2.55 -10.41 37.15
N LEU B 39 -1.41 -11.06 36.95
CA LEU B 39 -0.76 -11.15 35.66
C LEU B 39 -0.81 -12.60 35.20
N ALA B 40 -1.31 -12.85 33.99
CA ALA B 40 -1.43 -14.19 33.43
C ALA B 40 -0.54 -14.37 32.19
N TRP B 41 0.14 -15.52 32.10
CA TRP B 41 0.90 -15.90 30.92
C TRP B 41 0.16 -16.97 30.12
N TYR B 42 0.14 -16.80 28.79
CA TYR B 42 -0.45 -17.75 27.87
C TYR B 42 0.54 -18.19 26.78
N GLN B 43 0.41 -19.44 26.36
CA GLN B 43 1.22 -19.99 25.29
C GLN B 43 0.32 -20.35 24.11
N GLN B 44 0.63 -19.79 22.94
CA GLN B 44 -0.11 -20.11 21.72
C GLN B 44 0.82 -20.81 20.74
N LYS B 45 0.62 -22.10 20.55
CA LYS B 45 1.33 -22.85 19.52
C LYS B 45 0.62 -22.69 18.18
N PRO B 46 1.35 -22.77 17.08
CA PRO B 46 0.75 -22.50 15.76
C PRO B 46 -0.56 -23.25 15.57
N GLY B 47 -1.58 -22.52 15.16
CA GLY B 47 -2.86 -23.12 14.84
C GLY B 47 -3.74 -23.52 15.99
N GLN B 48 -3.28 -23.34 17.23
CA GLN B 48 -4.07 -23.67 18.41
C GLN B 48 -4.51 -22.40 19.12
N PRO B 49 -5.61 -22.45 19.85
CA PRO B 49 -5.95 -21.32 20.76
C PRO B 49 -4.85 -21.13 21.79
N PRO B 50 -4.81 -19.95 22.41
CA PRO B 50 -3.97 -19.76 23.60
C PRO B 50 -4.31 -20.77 24.68
N LYS B 51 -3.29 -21.18 25.41
CA LYS B 51 -3.42 -22.08 26.54
C LYS B 51 -2.81 -21.37 27.76
N LEU B 52 -3.55 -21.35 28.86
CA LEU B 52 -3.06 -20.70 30.09
C LEU B 52 -1.91 -21.50 30.69
N LEU B 53 -0.81 -20.82 30.97
CA LEU B 53 0.28 -21.46 31.71
C LEU B 53 0.26 -21.08 33.19
N ILE B 54 0.11 -19.79 33.46
CA ILE B 54 0.31 -19.24 34.81
C ILE B 54 -0.65 -18.07 34.99
N SER B 55 -1.31 -18.02 36.14
CA SER B 55 -2.07 -16.85 36.55
C SER B 55 -1.58 -16.37 37.92
N GLY B 56 -2.09 -15.22 38.33
CA GLY B 56 -1.65 -14.65 39.59
C GLY B 56 -0.14 -14.51 39.59
N ALA B 57 0.45 -14.28 38.39
CA ALA B 57 1.87 -14.04 38.18
C ALA B 57 2.75 -15.26 38.45
N SER B 58 2.39 -16.10 39.39
CA SER B 58 3.30 -17.17 39.75
C SER B 58 2.65 -18.54 39.86
N THR B 59 1.34 -18.65 39.71
CA THR B 59 0.66 -19.92 39.93
C THR B 59 0.48 -20.68 38.61
N ARG B 60 1.15 -21.84 38.50
CA ARG B 60 1.00 -22.72 37.35
C ARG B 60 -0.33 -23.45 37.37
N GLU B 61 -0.97 -23.54 36.21
CA GLU B 61 -2.09 -24.46 36.03
C GLU B 61 -1.63 -25.89 36.21
N SER B 62 -2.55 -26.77 36.62
CA SER B 62 -2.28 -28.21 36.64
C SER B 62 -1.70 -28.67 35.31
N GLY B 63 -0.69 -29.53 35.37
CA GLY B 63 -0.15 -30.12 34.16
C GLY B 63 0.72 -29.22 33.32
N VAL B 64 1.16 -28.09 33.86
CA VAL B 64 2.10 -27.22 33.18
C VAL B 64 3.49 -27.53 33.73
N PRO B 65 4.45 -27.92 32.90
CA PRO B 65 5.75 -28.33 33.42
C PRO B 65 6.40 -27.23 34.24
N ASP B 66 7.06 -27.63 35.34
CA ASP B 66 7.73 -26.66 36.18
C ASP B 66 9.00 -26.09 35.52
N ARG B 67 9.32 -26.47 34.27
CA ARG B 67 10.27 -25.67 33.50
C ARG B 67 9.79 -24.24 33.32
N PHE B 68 8.49 -24.00 33.45
CA PHE B 68 7.92 -22.66 33.32
C PHE B 68 7.78 -22.05 34.71
N THR B 69 8.27 -20.82 34.86
CA THR B 69 8.22 -20.10 36.13
C THR B 69 7.85 -18.65 35.87
N GLY B 70 6.78 -18.17 36.50
CA GLY B 70 6.39 -16.79 36.42
C GLY B 70 6.79 -16.08 37.70
N SER B 71 7.29 -14.85 37.56
CA SER B 71 7.78 -14.13 38.72
C SER B 71 7.54 -12.64 38.49
N GLY B 72 7.79 -11.86 39.53
CA GLY B 72 7.63 -10.43 39.42
C GLY B 72 6.44 -9.93 40.23
N SER B 73 6.20 -8.63 40.07
CA SER B 73 5.43 -7.90 41.07
C SER B 73 5.13 -6.52 40.52
N GLY B 74 3.96 -6.03 40.86
CA GLY B 74 3.60 -4.66 40.54
C GLY B 74 3.40 -4.42 39.06
N THR B 75 4.49 -4.01 38.37
CA THR B 75 4.48 -3.71 36.93
C THR B 75 5.52 -4.50 36.14
N ASP B 76 6.44 -5.21 36.81
CA ASP B 76 7.58 -5.88 36.19
C ASP B 76 7.38 -7.37 36.35
N PHE B 77 7.15 -8.08 35.24
CA PHE B 77 6.95 -9.52 35.30
C PHE B 77 7.80 -10.22 34.25
N THR B 78 8.20 -11.45 34.59
CA THR B 78 9.03 -12.24 33.71
C THR B 78 8.61 -13.71 33.72
N LEU B 79 8.58 -14.30 32.53
CA LEU B 79 8.36 -15.73 32.39
C LEU B 79 9.69 -16.42 32.08
N THR B 80 9.95 -17.52 32.79
CA THR B 80 11.26 -18.16 32.78
C THR B 80 11.07 -19.62 32.40
N ILE B 81 11.77 -20.06 31.35
CA ILE B 81 11.79 -21.46 30.96
C ILE B 81 13.19 -21.99 31.26
N SER B 82 13.25 -23.01 32.11
CA SER B 82 14.54 -23.48 32.62
C SER B 82 15.29 -24.25 31.55
N SER B 83 14.67 -25.29 30.99
CA SER B 83 15.27 -26.11 29.94
C SER B 83 14.31 -26.10 28.76
N VAL B 84 14.52 -25.15 27.83
CA VAL B 84 13.69 -25.09 26.64
C VAL B 84 13.75 -26.44 25.92
N GLN B 85 12.60 -26.91 25.46
CA GLN B 85 12.53 -28.10 24.63
C GLN B 85 11.92 -27.73 23.28
N ALA B 86 12.07 -28.63 22.31
CA ALA B 86 11.62 -28.33 20.96
C ALA B 86 10.14 -27.98 20.94
N GLU B 87 9.34 -28.72 21.71
CA GLU B 87 7.91 -28.49 21.83
C GLU B 87 7.53 -27.09 22.32
N ASP B 88 8.44 -26.35 22.95
CA ASP B 88 8.08 -25.07 23.55
C ASP B 88 8.01 -23.95 22.54
N LEU B 89 8.23 -24.25 21.26
CA LEU B 89 8.08 -23.31 20.17
C LEU B 89 6.67 -22.72 20.19
N ALA B 90 6.57 -21.39 20.37
CA ALA B 90 5.25 -20.76 20.52
C ALA B 90 5.39 -19.25 20.66
N VAL B 91 4.25 -18.56 20.65
CA VAL B 91 4.16 -17.17 21.07
C VAL B 91 3.60 -17.10 22.49
N TYR B 92 4.29 -16.37 23.35
CA TYR B 92 3.89 -16.23 24.75
C TYR B 92 3.33 -14.83 24.95
N TYR B 93 2.13 -14.75 25.52
CA TYR B 93 1.47 -13.50 25.79
C TYR B 93 1.31 -13.32 27.29
N CYS B 94 1.46 -12.09 27.77
CA CYS B 94 0.97 -11.80 29.11
C CYS B 94 -0.35 -11.04 29.03
N GLN B 95 -1.05 -11.04 30.14
CA GLN B 95 -2.39 -10.48 30.17
C GLN B 95 -2.60 -9.79 31.50
N ASN B 96 -2.97 -8.51 31.41
CA ASN B 96 -3.59 -7.77 32.49
C ASN B 96 -4.90 -8.46 32.87
N ASP B 97 -4.92 -9.06 34.05
CA ASP B 97 -6.10 -9.70 34.63
C ASP B 97 -6.54 -8.98 35.91
N HIS B 98 -6.30 -7.66 35.99
CA HIS B 98 -6.57 -6.88 37.21
C HIS B 98 -7.68 -5.86 37.04
N ARG B 99 -7.79 -5.20 35.89
CA ARG B 99 -8.73 -4.09 35.70
C ARG B 99 -9.32 -4.13 34.30
N TYR B 100 -10.64 -4.09 34.21
CA TYR B 100 -11.27 -3.87 32.93
C TYR B 100 -10.75 -2.59 32.30
N PRO B 101 -10.55 -2.55 30.97
CA PRO B 101 -10.70 -3.69 30.06
C PRO B 101 -9.44 -4.55 30.17
N LEU B 102 -9.64 -5.87 30.23
CA LEU B 102 -8.51 -6.79 30.15
C LEU B 102 -7.73 -6.54 28.85
N THR B 103 -6.41 -6.61 28.94
CA THR B 103 -5.55 -6.23 27.85
C THR B 103 -4.38 -7.20 27.80
N PHE B 104 -3.91 -7.48 26.58
CA PHE B 104 -2.82 -8.41 26.35
C PHE B 104 -1.60 -7.65 25.86
N GLY B 105 -0.43 -8.17 26.20
CA GLY B 105 0.78 -7.82 25.46
C GLY B 105 0.76 -8.37 24.05
N ALA B 106 1.67 -7.87 23.23
CA ALA B 106 1.75 -8.24 21.82
C ALA B 106 2.44 -9.58 21.60
N GLY B 107 3.03 -10.16 22.63
CA GLY B 107 3.54 -11.51 22.56
C GLY B 107 5.03 -11.55 22.25
N THR B 108 5.68 -12.59 22.76
CA THR B 108 7.08 -12.86 22.50
C THR B 108 7.19 -14.23 21.85
N LYS B 109 7.75 -14.28 20.64
CA LYS B 109 7.87 -15.52 19.89
C LYS B 109 9.16 -16.24 20.26
N LEU B 110 9.05 -17.49 20.67
CA LEU B 110 10.22 -18.32 21.00
C LEU B 110 10.53 -19.26 19.83
N GLU B 111 11.59 -18.99 19.11
CA GLU B 111 12.05 -19.83 18.01
C GLU B 111 13.21 -20.71 18.45
N LEU B 112 13.48 -21.76 17.68
CA LEU B 112 14.52 -22.71 18.07
C LEU B 112 15.72 -22.68 17.14
N LYS B 113 16.83 -23.20 17.68
CA LYS B 113 18.12 -23.31 17.02
C LYS B 113 18.55 -24.75 17.15
N ARG B 114 18.90 -25.36 16.02
CA ARG B 114 19.57 -26.66 15.96
C ARG B 114 20.63 -26.58 14.87
N ALA B 115 21.27 -27.71 14.61
CA ALA B 115 22.29 -27.78 13.57
C ALA B 115 21.70 -27.43 12.21
N ASP B 116 22.48 -26.73 11.40
CA ASP B 116 22.13 -26.58 9.98
C ASP B 116 21.82 -27.94 9.36
N ALA B 117 20.74 -28.00 8.59
CA ALA B 117 20.30 -29.24 7.97
C ALA B 117 19.95 -28.98 6.51
N ALA B 118 20.25 -29.99 5.68
CA ALA B 118 20.04 -30.08 4.24
C ALA B 118 18.62 -30.56 3.95
N PRO B 119 17.98 -29.93 2.97
CA PRO B 119 16.59 -30.28 2.63
C PRO B 119 16.50 -31.53 1.76
N THR B 120 15.54 -32.40 2.13
CA THR B 120 15.13 -33.54 1.32
C THR B 120 14.10 -33.10 0.29
N VAL B 121 14.42 -33.23 -0.98
CA VAL B 121 13.65 -32.61 -2.06
C VAL B 121 12.91 -33.70 -2.84
N SER B 122 11.61 -33.48 -3.08
CA SER B 122 10.75 -34.36 -3.87
C SER B 122 10.04 -33.52 -4.93
N ILE B 123 9.98 -34.02 -6.15
CA ILE B 123 9.20 -33.37 -7.18
C ILE B 123 8.00 -34.26 -7.53
N PHE B 124 6.93 -33.63 -8.03
CA PHE B 124 5.67 -34.29 -8.30
C PHE B 124 5.10 -33.67 -9.56
N PRO B 125 4.74 -34.49 -10.55
CA PRO B 125 4.12 -33.98 -11.76
C PRO B 125 2.69 -33.54 -11.50
N PRO B 126 2.10 -32.78 -12.41
CA PRO B 126 0.67 -32.47 -12.25
C PRO B 126 -0.13 -33.76 -12.23
N SER B 127 -1.21 -33.75 -11.48
CA SER B 127 -2.04 -34.93 -11.39
C SER B 127 -2.91 -35.06 -12.63
N SER B 128 -3.39 -36.27 -12.89
CA SER B 128 -4.26 -36.42 -14.06
C SER B 128 -5.63 -35.80 -13.81
N GLU B 129 -6.00 -35.60 -12.55
CA GLU B 129 -7.23 -34.87 -12.26
C GLU B 129 -7.07 -33.38 -12.48
N GLN B 130 -5.89 -32.83 -12.22
CA GLN B 130 -5.71 -31.40 -12.49
C GLN B 130 -5.51 -31.14 -13.98
N LEU B 131 -4.85 -32.04 -14.71
CA LEU B 131 -4.76 -31.89 -16.18
C LEU B 131 -6.15 -31.93 -16.82
N THR B 132 -7.00 -32.87 -16.38
CA THR B 132 -8.40 -32.87 -16.80
C THR B 132 -9.10 -31.55 -16.46
N SER B 133 -8.70 -30.89 -15.39
CA SER B 133 -9.31 -29.61 -15.06
C SER B 133 -8.73 -28.46 -15.89
N GLY B 134 -7.68 -28.71 -16.67
CA GLY B 134 -7.08 -27.69 -17.51
C GLY B 134 -5.91 -26.94 -16.90
N GLY B 135 -5.65 -27.14 -15.61
CA GLY B 135 -4.44 -26.61 -15.00
C GLY B 135 -3.32 -27.62 -15.05
N ALA B 136 -2.15 -27.18 -14.60
CA ALA B 136 -1.02 -28.11 -14.44
C ALA B 136 -0.06 -27.47 -13.45
N SER B 137 0.00 -28.00 -12.23
CA SER B 137 0.92 -27.55 -11.21
C SER B 137 2.00 -28.60 -11.03
N VAL B 138 3.25 -28.15 -10.95
CA VAL B 138 4.38 -29.01 -10.64
C VAL B 138 4.84 -28.65 -9.23
N VAL B 139 4.83 -29.61 -8.32
CA VAL B 139 5.12 -29.32 -6.93
C VAL B 139 6.47 -29.92 -6.56
N CYS B 140 7.19 -29.17 -5.73
CA CYS B 140 8.45 -29.60 -5.15
C CYS B 140 8.39 -29.39 -3.64
N PHE B 141 8.67 -30.45 -2.87
CA PHE B 141 8.75 -30.38 -1.41
C PHE B 141 10.21 -30.42 -1.00
N LEU B 142 10.65 -29.38 -0.29
CA LEU B 142 11.92 -29.35 0.39
C LEU B 142 11.62 -29.55 1.87
N ASN B 143 12.13 -30.63 2.47
CA ASN B 143 11.69 -31.07 3.78
C ASN B 143 12.83 -31.06 4.81
N ASN B 144 12.50 -30.55 5.99
CA ASN B 144 13.33 -30.64 7.20
C ASN B 144 14.73 -30.08 6.98
N PHE B 145 14.80 -28.83 6.55
CA PHE B 145 16.04 -28.10 6.51
C PHE B 145 16.11 -27.06 7.65
N TYR B 146 17.31 -26.44 7.80
CA TYR B 146 17.69 -25.40 8.75
C TYR B 146 18.94 -24.71 8.22
N PRO B 147 18.94 -23.37 8.04
CA PRO B 147 17.88 -22.39 8.37
C PRO B 147 16.70 -22.30 7.45
N LYS B 148 15.75 -21.48 7.86
CA LYS B 148 14.59 -21.18 7.04
C LYS B 148 14.98 -20.56 5.70
N ASP B 149 16.23 -20.14 5.54
CA ASP B 149 16.69 -19.51 4.31
C ASP B 149 16.93 -20.59 3.24
N ILE B 150 16.31 -20.43 2.08
CA ILE B 150 16.40 -21.44 1.03
C ILE B 150 15.84 -20.86 -0.26
N ASN B 151 16.52 -21.14 -1.37
CA ASN B 151 16.13 -20.64 -2.67
C ASN B 151 15.76 -21.80 -3.61
N VAL B 152 14.62 -21.66 -4.28
CA VAL B 152 14.13 -22.66 -5.20
C VAL B 152 14.16 -22.06 -6.58
N LYS B 153 14.85 -22.74 -7.49
CA LYS B 153 14.97 -22.34 -8.88
C LYS B 153 14.18 -23.34 -9.73
N TRP B 154 13.19 -22.85 -10.48
CA TRP B 154 12.45 -23.69 -11.41
C TRP B 154 13.00 -23.55 -12.84
N LYS B 155 13.13 -24.67 -13.55
CA LYS B 155 13.59 -24.66 -14.94
C LYS B 155 12.81 -25.64 -15.81
N ILE B 156 12.37 -25.13 -16.96
CA ILE B 156 11.56 -25.85 -17.94
C ILE B 156 12.44 -26.02 -19.18
N ASP B 157 12.94 -27.24 -19.39
CA ASP B 157 13.81 -27.53 -20.54
C ASP B 157 15.09 -26.70 -20.43
N GLY B 158 15.72 -26.77 -19.26
CA GLY B 158 16.92 -26.00 -18.98
C GLY B 158 16.74 -24.50 -18.96
N SER B 159 15.55 -23.99 -19.27
CA SER B 159 15.29 -22.56 -19.27
C SER B 159 14.58 -22.13 -17.99
N GLU B 160 14.96 -20.98 -17.47
CA GLU B 160 14.60 -20.55 -16.12
C GLU B 160 13.21 -19.91 -16.11
N ARG B 161 12.30 -20.46 -15.31
CA ARG B 161 10.94 -19.98 -15.21
C ARG B 161 10.70 -19.34 -13.84
N GLN B 162 10.10 -18.13 -13.85
CA GLN B 162 9.77 -17.36 -12.67
C GLN B 162 8.49 -16.57 -12.94
N ASN B 163 7.37 -17.26 -12.99
CA ASN B 163 6.14 -16.53 -13.22
C ASN B 163 4.99 -17.12 -12.40
N GLY B 164 4.91 -18.44 -12.33
CA GLY B 164 3.84 -19.09 -11.63
C GLY B 164 4.25 -19.72 -10.32
N VAL B 165 5.43 -19.33 -9.82
CA VAL B 165 6.05 -19.97 -8.67
C VAL B 165 5.50 -19.39 -7.37
N LEU B 166 4.94 -20.25 -6.50
CA LEU B 166 4.38 -19.90 -5.19
C LEU B 166 5.05 -20.73 -4.11
N ASN B 167 5.45 -20.09 -3.01
CA ASN B 167 6.20 -20.80 -1.99
C ASN B 167 5.55 -20.62 -0.63
N SER B 168 5.64 -21.65 0.19
CA SER B 168 4.95 -21.66 1.46
C SER B 168 5.81 -22.40 2.45
N TRP B 169 6.25 -21.72 3.49
CA TRP B 169 7.04 -22.35 4.55
C TRP B 169 6.10 -22.82 5.63
N THR B 170 6.43 -23.97 6.23
CA THR B 170 5.74 -24.41 7.42
C THR B 170 6.16 -23.54 8.61
N ASP B 171 5.39 -23.59 9.70
CA ASP B 171 5.94 -23.18 10.97
C ASP B 171 7.03 -24.16 11.36
N GLN B 172 7.98 -23.69 12.17
CA GLN B 172 9.02 -24.57 12.69
C GLN B 172 8.42 -25.80 13.37
N ASP B 173 9.16 -26.90 13.33
CA ASP B 173 8.67 -28.22 13.68
C ASP B 173 8.91 -28.48 15.17
N SER B 174 7.88 -28.90 15.87
CA SER B 174 7.97 -29.03 17.32
C SER B 174 8.71 -30.28 17.77
N LYS B 175 9.27 -31.07 16.87
CA LYS B 175 10.03 -32.26 17.25
C LYS B 175 11.50 -32.17 16.87
N ASP B 176 11.81 -31.68 15.68
CA ASP B 176 13.19 -31.53 15.24
C ASP B 176 13.55 -30.09 14.92
N SER B 177 12.63 -29.15 15.12
CA SER B 177 12.90 -27.71 14.96
C SER B 177 13.40 -27.36 13.56
N THR B 178 13.12 -28.19 12.55
CA THR B 178 13.44 -27.84 11.18
C THR B 178 12.26 -27.11 10.54
N TYR B 179 12.50 -26.61 9.33
CA TYR B 179 11.46 -26.06 8.47
C TYR B 179 11.29 -26.92 7.21
N SER B 180 10.11 -26.87 6.63
CA SER B 180 9.86 -27.40 5.29
C SER B 180 9.25 -26.31 4.43
N MET B 181 9.22 -26.55 3.13
CA MET B 181 8.71 -25.54 2.23
C MET B 181 8.18 -26.22 0.97
N SER B 182 7.14 -25.63 0.39
CA SER B 182 6.45 -26.23 -0.72
C SER B 182 6.45 -25.23 -1.86
N SER B 183 7.16 -25.56 -2.95
CA SER B 183 7.20 -24.71 -4.12
C SER B 183 6.34 -25.29 -5.23
N THR B 184 5.43 -24.47 -5.74
CA THR B 184 4.46 -24.91 -6.73
C THR B 184 4.55 -24.01 -7.95
N LEU B 185 4.89 -24.61 -9.09
CA LEU B 185 4.89 -23.93 -10.38
C LEU B 185 3.61 -24.30 -11.10
N THR B 186 2.75 -23.32 -11.35
CA THR B 186 1.44 -23.57 -11.95
C THR B 186 1.43 -23.02 -13.38
N LEU B 187 1.18 -23.89 -14.34
CA LEU B 187 1.03 -23.57 -15.75
C LEU B 187 -0.36 -23.99 -16.20
N THR B 188 -0.76 -23.53 -17.37
CA THR B 188 -1.90 -24.16 -18.01
C THR B 188 -1.50 -25.55 -18.48
N LYS B 189 -2.50 -26.37 -18.80
CA LYS B 189 -2.20 -27.64 -19.42
C LYS B 189 -1.54 -27.41 -20.77
N ASP B 190 -2.00 -26.38 -21.49
CA ASP B 190 -1.49 -26.04 -22.81
C ASP B 190 0.03 -25.85 -22.79
N GLU B 191 0.52 -24.96 -21.93
CA GLU B 191 1.95 -24.73 -21.92
C GLU B 191 2.70 -25.94 -21.37
N TYR B 192 2.15 -26.57 -20.31
CA TYR B 192 2.78 -27.76 -19.74
C TYR B 192 3.03 -28.83 -20.81
N GLU B 193 2.09 -29.01 -21.75
CA GLU B 193 2.22 -30.06 -22.75
C GLU B 193 3.23 -29.72 -23.83
N ARG B 194 3.54 -28.44 -24.03
CA ARG B 194 4.49 -27.99 -25.04
C ARG B 194 5.93 -28.02 -24.55
N HIS B 195 6.20 -28.55 -23.36
CA HIS B 195 7.56 -28.68 -22.89
C HIS B 195 7.71 -30.04 -22.25
N ASN B 196 8.93 -30.36 -21.83
CA ASN B 196 9.19 -31.74 -21.47
C ASN B 196 9.94 -31.91 -20.16
N SER B 197 11.03 -31.18 -19.96
CA SER B 197 11.86 -31.32 -18.77
C SER B 197 11.43 -30.29 -17.72
N TYR B 198 11.23 -30.74 -16.48
CA TYR B 198 10.77 -29.89 -15.38
C TYR B 198 11.66 -30.15 -14.17
N THR B 199 12.33 -29.11 -13.70
CA THR B 199 13.33 -29.21 -12.64
C THR B 199 13.08 -28.18 -11.55
N CYS B 200 13.33 -28.58 -10.29
CA CYS B 200 13.41 -27.66 -9.17
C CYS B 200 14.79 -27.78 -8.55
N GLU B 201 15.40 -26.63 -8.23
CA GLU B 201 16.76 -26.57 -7.72
C GLU B 201 16.77 -25.90 -6.36
N ALA B 202 17.24 -26.64 -5.37
CA ALA B 202 17.26 -26.21 -3.97
C ALA B 202 18.68 -25.81 -3.61
N THR B 203 18.92 -24.50 -3.53
CA THR B 203 20.18 -23.96 -3.04
C THR B 203 19.99 -23.52 -1.58
N HIS B 204 20.77 -24.12 -0.70
CA HIS B 204 20.69 -23.93 0.73
C HIS B 204 22.12 -23.84 1.24
N LYS B 205 22.38 -22.97 2.21
CA LYS B 205 23.76 -22.80 2.66
C LYS B 205 24.38 -24.09 3.20
N THR B 206 23.58 -25.16 3.38
CA THR B 206 24.11 -26.43 3.83
C THR B 206 25.03 -27.08 2.81
N SER B 207 25.16 -26.50 1.61
CA SER B 207 26.12 -26.94 0.61
C SER B 207 26.17 -25.91 -0.51
N THR B 208 27.24 -26.00 -1.31
CA THR B 208 27.41 -25.15 -2.48
C THR B 208 26.77 -25.75 -3.72
N SER B 209 26.66 -27.08 -3.77
CA SER B 209 26.03 -27.74 -4.90
C SER B 209 24.52 -27.82 -4.67
N PRO B 210 23.71 -27.21 -5.56
CA PRO B 210 22.25 -27.29 -5.39
C PRO B 210 21.77 -28.74 -5.39
N ILE B 211 20.66 -28.98 -4.71
CA ILE B 211 19.95 -30.25 -4.83
C ILE B 211 18.92 -30.10 -5.94
N VAL B 212 18.95 -31.01 -6.90
CA VAL B 212 18.17 -30.91 -8.12
C VAL B 212 17.27 -32.14 -8.22
N LYS B 213 16.08 -31.93 -8.75
CA LYS B 213 15.07 -32.97 -8.84
C LYS B 213 14.26 -32.65 -10.08
N SER B 214 14.13 -33.62 -10.99
CA SER B 214 13.59 -33.34 -12.32
C SER B 214 12.75 -34.51 -12.81
N PHE B 215 11.92 -34.23 -13.82
CA PHE B 215 11.20 -35.29 -14.53
C PHE B 215 10.90 -34.84 -15.94
N ASN B 216 10.65 -35.82 -16.81
CA ASN B 216 10.18 -35.57 -18.16
C ASN B 216 8.72 -35.94 -18.26
N ARG B 217 7.91 -34.97 -18.73
CA ARG B 217 6.48 -35.20 -18.88
C ARG B 217 6.18 -36.42 -19.76
N ASN B 218 6.96 -36.62 -20.84
CA ASN B 218 6.64 -37.73 -21.73
C ASN B 218 6.73 -39.08 -21.01
N GLU B 219 7.60 -39.20 -20.01
CA GLU B 219 7.71 -40.42 -19.22
C GLU B 219 6.66 -40.52 -18.13
N CYS B 220 5.86 -39.48 -17.91
CA CYS B 220 4.86 -39.48 -16.84
C CYS B 220 3.49 -39.91 -17.37
N VAL C 2 -6.25 36.95 -29.69
CA VAL C 2 -4.80 36.90 -29.66
C VAL C 2 -4.34 35.61 -28.99
N GLN C 3 -3.45 34.87 -29.65
CA GLN C 3 -3.01 33.59 -29.11
C GLN C 3 -1.60 33.26 -29.60
N LEU C 4 -0.78 32.74 -28.70
CA LEU C 4 0.56 32.23 -29.01
C LEU C 4 0.63 30.74 -28.67
N GLN C 5 0.75 29.91 -29.70
CA GLN C 5 0.80 28.47 -29.55
C GLN C 5 2.24 27.99 -29.73
N GLN C 6 2.74 27.19 -28.79
CA GLN C 6 4.14 26.78 -28.77
C GLN C 6 4.29 25.29 -29.04
N PHE C 7 5.30 24.95 -29.85
CA PHE C 7 5.65 23.57 -30.20
C PHE C 7 7.16 23.39 -30.05
N GLY C 8 7.58 22.14 -29.84
CA GLY C 8 8.98 21.83 -29.71
C GLY C 8 9.22 20.56 -28.92
N ALA C 9 10.39 19.96 -29.16
CA ALA C 9 10.74 18.70 -28.53
C ALA C 9 10.86 18.85 -27.01
N GLU C 10 10.25 17.94 -26.29
CA GLU C 10 10.33 17.94 -24.84
C GLU C 10 11.63 17.32 -24.34
N LEU C 11 12.13 16.31 -25.05
CA LEU C 11 13.29 15.54 -24.64
C LEU C 11 14.39 15.73 -25.68
N VAL C 12 15.55 16.19 -25.22
CA VAL C 12 16.66 16.49 -26.10
C VAL C 12 17.94 16.00 -25.42
N LYS C 13 18.85 15.45 -26.24
CA LYS C 13 20.09 14.89 -25.75
C LYS C 13 21.07 16.00 -25.37
N PRO C 14 22.02 15.72 -24.47
CA PRO C 14 23.02 16.76 -24.15
C PRO C 14 23.88 17.06 -25.37
N GLY C 15 24.34 18.30 -25.45
CA GLY C 15 25.12 18.75 -26.57
C GLY C 15 24.35 18.96 -27.85
N ALA C 16 23.10 18.50 -27.95
CA ALA C 16 22.38 18.69 -29.19
C ALA C 16 21.79 20.09 -29.22
N SER C 17 21.05 20.39 -30.28
CA SER C 17 20.33 21.65 -30.41
C SER C 17 18.85 21.41 -30.63
N VAL C 18 18.03 22.26 -30.01
CA VAL C 18 16.57 22.18 -30.16
C VAL C 18 16.06 23.54 -30.61
N LYS C 19 15.02 23.54 -31.45
CA LYS C 19 14.41 24.75 -31.99
C LYS C 19 12.93 24.77 -31.61
N ILE C 20 12.57 25.66 -30.66
CA ILE C 20 11.19 25.88 -30.23
C ILE C 20 10.52 26.85 -31.19
N SER C 21 9.23 26.63 -31.42
CA SER C 21 8.41 27.51 -32.24
C SER C 21 7.33 28.19 -31.40
N CYS C 22 6.66 29.15 -32.05
CA CYS C 22 5.67 29.98 -31.37
C CYS C 22 4.82 30.61 -32.48
N LYS C 23 3.74 29.92 -32.85
CA LYS C 23 2.83 30.43 -33.88
C LYS C 23 1.90 31.47 -33.26
N ALA C 24 1.83 32.64 -33.89
CA ALA C 24 1.02 33.75 -33.43
C ALA C 24 -0.24 33.87 -34.28
N SER C 25 -1.31 34.34 -33.66
CA SER C 25 -2.55 34.54 -34.40
C SER C 25 -3.39 35.58 -33.68
N GLY C 26 -4.25 36.26 -34.44
CA GLY C 26 -5.20 37.19 -33.86
C GLY C 26 -4.71 38.61 -33.70
N TYR C 27 -3.53 38.93 -34.22
CA TYR C 27 -3.02 40.29 -34.25
C TYR C 27 -2.05 40.35 -35.41
N THR C 28 -1.62 41.56 -35.75
CA THR C 28 -0.58 41.72 -36.78
C THR C 28 0.78 41.37 -36.17
N PHE C 29 1.35 40.26 -36.66
CA PHE C 29 2.61 39.76 -36.12
C PHE C 29 3.73 40.80 -36.20
N THR C 30 3.94 41.39 -37.39
CA THR C 30 5.02 42.37 -37.57
C THR C 30 4.79 43.67 -36.80
N ASP C 31 3.61 43.89 -36.24
CA ASP C 31 3.39 45.09 -35.43
C ASP C 31 3.90 44.95 -34.00
N TYR C 32 4.48 43.82 -33.62
CA TYR C 32 4.92 43.61 -32.24
C TYR C 32 6.23 42.83 -32.22
N ASN C 33 7.09 43.17 -31.28
CA ASN C 33 8.29 42.39 -31.07
C ASN C 33 7.92 41.13 -30.30
N MET C 34 8.80 40.13 -30.35
CA MET C 34 8.61 38.90 -29.60
C MET C 34 9.77 38.72 -28.63
N ASP C 35 9.44 38.53 -27.35
CA ASP C 35 10.42 38.21 -26.33
C ASP C 35 10.32 36.73 -25.94
N TRP C 36 11.33 36.27 -25.22
CA TRP C 36 11.41 34.90 -24.76
C TRP C 36 11.94 34.92 -23.35
N VAL C 37 11.40 34.03 -22.51
CA VAL C 37 11.71 33.99 -21.09
C VAL C 37 11.95 32.53 -20.69
N LYS C 38 12.91 32.32 -19.80
CA LYS C 38 13.25 31.00 -19.30
C LYS C 38 12.77 30.86 -17.85
N GLN C 39 12.30 29.67 -17.50
CA GLN C 39 11.91 29.40 -16.12
C GLN C 39 12.31 27.99 -15.73
N SER C 40 13.33 27.87 -14.89
CA SER C 40 13.66 26.58 -14.33
C SER C 40 12.60 26.20 -13.28
N HIS C 41 12.46 24.91 -13.05
CA HIS C 41 11.44 24.43 -12.14
C HIS C 41 11.63 25.09 -10.77
N GLY C 42 10.59 25.78 -10.30
CA GLY C 42 10.64 26.42 -9.01
C GLY C 42 11.58 27.61 -8.93
N LYS C 43 12.02 28.14 -10.06
CA LYS C 43 12.91 29.28 -10.07
C LYS C 43 12.15 30.48 -10.64
N SER C 44 12.88 31.57 -10.84
CA SER C 44 12.28 32.82 -11.26
C SER C 44 12.22 32.87 -12.78
N LEU C 45 11.66 33.96 -13.28
CA LEU C 45 11.63 34.19 -14.71
C LEU C 45 12.92 34.87 -15.13
N GLU C 46 13.49 34.41 -16.25
CA GLU C 46 14.73 34.97 -16.76
C GLU C 46 14.51 35.41 -18.20
N TRP C 47 14.72 36.70 -18.47
CA TRP C 47 14.53 37.23 -19.81
C TRP C 47 15.69 36.79 -20.70
N ILE C 48 15.35 36.30 -21.90
CA ILE C 48 16.34 35.75 -22.83
C ILE C 48 16.75 36.78 -23.88
N GLY C 49 15.76 37.32 -24.58
CA GLY C 49 16.05 38.19 -25.70
C GLY C 49 14.75 38.67 -26.31
N ASP C 50 14.92 39.54 -27.29
CA ASP C 50 13.86 40.26 -27.97
C ASP C 50 14.20 40.32 -29.45
N ILE C 51 13.22 40.08 -30.31
CA ILE C 51 13.42 40.19 -31.74
C ILE C 51 12.29 41.03 -32.32
N ASN C 52 12.64 41.89 -33.29
CA ASN C 52 11.68 42.67 -34.05
C ASN C 52 11.52 41.98 -35.39
N PRO C 53 10.37 41.38 -35.69
CA PRO C 53 10.27 40.51 -36.86
C PRO C 53 10.28 41.24 -38.18
N ASN C 54 10.25 42.56 -38.19
CA ASN C 54 10.30 43.27 -39.47
C ASN C 54 11.68 43.16 -40.12
N TYR C 55 12.73 43.32 -39.34
CA TYR C 55 14.06 43.36 -39.92
C TYR C 55 15.03 42.38 -39.27
N ASP C 56 14.53 41.42 -38.52
CA ASP C 56 15.36 40.38 -37.92
C ASP C 56 16.34 40.94 -36.88
N SER C 57 16.09 42.14 -36.36
CA SER C 57 17.00 42.74 -35.38
C SER C 57 16.69 42.25 -33.97
N THR C 58 17.73 42.06 -33.17
CA THR C 58 17.63 41.34 -31.91
C THR C 58 18.41 42.07 -30.82
N VAL C 59 17.97 41.83 -29.59
CA VAL C 59 18.68 42.24 -28.37
C VAL C 59 18.70 41.02 -27.47
N TYR C 60 19.87 40.64 -27.01
CA TYR C 60 19.95 39.49 -26.12
C TYR C 60 20.42 39.92 -24.73
N ASN C 61 20.10 39.06 -23.78
CA ASN C 61 20.75 39.04 -22.48
C ASN C 61 22.12 38.41 -22.66
N GLN C 62 23.17 39.07 -22.15
CA GLN C 62 24.54 38.55 -22.26
C GLN C 62 24.61 37.09 -21.84
N LYS C 63 23.85 36.75 -20.79
CA LYS C 63 23.88 35.41 -20.21
C LYS C 63 23.47 34.36 -21.22
N PHE C 64 22.71 34.75 -22.26
CA PHE C 64 22.24 33.81 -23.27
C PHE C 64 22.94 33.99 -24.62
N LYS C 65 23.87 34.93 -24.73
CA LYS C 65 24.60 35.06 -26.00
C LYS C 65 25.44 33.81 -26.21
N GLY C 66 25.34 33.25 -27.42
CA GLY C 66 25.97 31.97 -27.67
C GLY C 66 25.23 30.77 -27.12
N LYS C 67 24.15 30.98 -26.36
CA LYS C 67 23.24 29.88 -26.03
C LYS C 67 21.97 29.87 -26.87
N ALA C 68 21.35 31.03 -27.09
CA ALA C 68 20.04 31.12 -27.72
C ALA C 68 20.11 32.01 -28.97
N THR C 69 19.38 31.61 -30.01
CA THR C 69 19.29 32.36 -31.24
C THR C 69 17.82 32.56 -31.62
N LEU C 70 17.39 33.81 -31.76
CA LEU C 70 16.02 34.14 -32.11
C LEU C 70 15.87 34.39 -33.61
N THR C 71 14.88 33.73 -34.22
CA THR C 71 14.55 33.94 -35.62
C THR C 71 13.04 34.11 -35.76
N VAL C 72 12.62 34.55 -36.95
CA VAL C 72 11.20 34.66 -37.28
C VAL C 72 11.02 34.32 -38.75
N ASP C 73 9.81 33.88 -39.09
CA ASP C 73 9.33 33.63 -40.44
C ASP C 73 8.08 34.49 -40.61
N LYS C 74 8.25 35.70 -41.16
CA LYS C 74 7.14 36.64 -41.27
C LYS C 74 5.93 36.01 -41.96
N SER C 75 6.19 35.24 -43.02
CA SER C 75 5.09 34.72 -43.83
C SER C 75 4.19 33.79 -43.02
N SER C 76 4.74 33.07 -42.06
CA SER C 76 3.97 32.13 -41.25
C SER C 76 3.55 32.69 -39.89
N SER C 77 3.88 33.95 -39.59
CA SER C 77 3.67 34.55 -38.27
C SER C 77 4.12 33.62 -37.14
N THR C 78 5.34 33.11 -37.27
CA THR C 78 5.93 32.20 -36.29
C THR C 78 7.27 32.75 -35.84
N ALA C 79 7.48 32.75 -34.52
CA ALA C 79 8.75 33.10 -33.92
C ALA C 79 9.50 31.82 -33.61
N TYR C 80 10.83 31.87 -33.62
CA TYR C 80 11.61 30.72 -33.23
C TYR C 80 12.70 31.09 -32.25
N MET C 81 13.09 30.11 -31.44
CA MET C 81 14.28 30.21 -30.61
C MET C 81 14.99 28.87 -30.70
N GLU C 82 16.27 28.92 -31.05
CA GLU C 82 17.11 27.73 -31.03
C GLU C 82 18.04 27.78 -29.82
N LEU C 83 18.13 26.66 -29.11
CA LEU C 83 19.06 26.51 -28.02
C LEU C 83 20.12 25.51 -28.44
N ARG C 84 21.37 25.82 -28.15
CA ARG C 84 22.53 25.09 -28.67
C ARG C 84 23.38 24.59 -27.51
N SER C 85 24.15 23.55 -27.80
CA SER C 85 25.07 22.93 -26.87
C SER C 85 24.38 22.70 -25.52
N LEU C 86 23.27 21.98 -25.59
CA LEU C 86 22.40 21.83 -24.43
C LEU C 86 23.11 21.14 -23.28
N THR C 87 22.86 21.61 -22.06
CA THR C 87 23.34 21.00 -20.84
C THR C 87 22.18 20.93 -19.86
N SER C 88 22.47 20.47 -18.65
CA SER C 88 21.42 20.32 -17.66
C SER C 88 20.83 21.67 -17.29
N GLU C 89 21.68 22.71 -17.18
CA GLU C 89 21.20 24.04 -16.83
C GLU C 89 20.13 24.55 -17.79
N ASP C 90 20.00 23.97 -18.97
CA ASP C 90 18.97 24.39 -19.91
C ASP C 90 17.66 23.64 -19.74
N THR C 91 17.59 22.66 -18.83
CA THR C 91 16.30 22.05 -18.54
C THR C 91 15.42 23.08 -17.87
N ALA C 92 14.30 23.39 -18.50
CA ALA C 92 13.50 24.55 -18.09
C ALA C 92 12.26 24.59 -18.97
N ILE C 93 11.30 25.41 -18.54
CA ILE C 93 10.18 25.81 -19.39
C ILE C 93 10.58 27.10 -20.09
N TYR C 94 10.24 27.19 -21.38
CA TYR C 94 10.58 28.34 -22.21
C TYR C 94 9.29 28.94 -22.78
N TYR C 95 9.10 30.24 -22.55
CA TYR C 95 7.93 30.97 -23.03
C TYR C 95 8.32 31.99 -24.08
N CYS C 96 7.46 32.15 -25.09
CA CYS C 96 7.45 33.32 -25.96
C CYS C 96 6.40 34.28 -25.45
N ALA C 97 6.66 35.58 -25.58
CA ALA C 97 5.71 36.58 -25.16
C ALA C 97 5.78 37.76 -26.12
N ARG C 98 4.62 38.16 -26.61
CA ARG C 98 4.51 39.41 -27.34
C ARG C 98 4.96 40.57 -26.46
N ASP C 99 5.85 41.41 -26.98
CA ASP C 99 6.27 42.60 -26.27
C ASP C 99 5.70 43.83 -26.97
N GLY C 100 5.10 44.71 -26.19
CA GLY C 100 4.62 45.98 -26.70
C GLY C 100 4.81 47.08 -25.68
N ALA C 101 4.01 48.15 -25.79
CA ALA C 101 4.11 49.23 -24.82
C ALA C 101 3.77 48.72 -23.43
N TYR C 102 2.81 47.82 -23.32
CA TYR C 102 2.44 47.19 -22.05
C TYR C 102 3.35 46.00 -21.71
N ALA C 103 4.67 46.12 -21.88
CA ALA C 103 5.58 45.02 -21.63
C ALA C 103 5.10 43.74 -22.32
N MET C 104 5.13 42.63 -21.60
CA MET C 104 4.88 41.31 -22.16
C MET C 104 3.43 40.93 -21.85
N ASP C 105 2.54 41.14 -22.81
CA ASP C 105 1.11 41.20 -22.55
C ASP C 105 0.36 39.93 -22.97
N HIS C 106 1.01 38.99 -23.64
CA HIS C 106 0.40 37.71 -23.97
C HIS C 106 1.51 36.68 -24.10
N TRP C 107 1.42 35.59 -23.32
CA TRP C 107 2.45 34.57 -23.28
C TRP C 107 1.96 33.28 -23.92
N GLY C 108 2.81 32.65 -24.72
CA GLY C 108 2.55 31.29 -25.16
C GLY C 108 2.47 30.34 -23.98
N GLN C 109 1.99 29.14 -24.26
CA GLN C 109 1.74 28.22 -23.14
C GLN C 109 3.02 27.61 -22.61
N GLY C 110 4.15 27.91 -23.23
CA GLY C 110 5.42 27.37 -22.78
C GLY C 110 5.76 26.05 -23.46
N THR C 111 7.04 25.73 -23.43
CA THR C 111 7.58 24.48 -23.95
C THR C 111 8.57 23.97 -22.93
N SER C 112 8.27 22.81 -22.35
CA SER C 112 9.18 22.17 -21.41
C SER C 112 10.27 21.45 -22.20
N VAL C 113 11.51 21.66 -21.79
CA VAL C 113 12.67 21.03 -22.42
C VAL C 113 13.43 20.30 -21.32
N THR C 114 13.59 19.01 -21.52
CA THR C 114 14.31 18.11 -20.62
C THR C 114 15.59 17.66 -21.33
N VAL C 115 16.74 18.10 -20.82
CA VAL C 115 18.03 17.73 -21.40
C VAL C 115 18.48 16.43 -20.74
N SER C 116 18.30 15.32 -21.44
CA SER C 116 18.78 14.04 -20.94
C SER C 116 19.02 13.12 -22.13
N SER C 117 19.95 12.18 -21.97
CA SER C 117 20.21 11.13 -22.95
C SER C 117 19.38 9.86 -22.73
N ALA C 118 18.48 9.87 -21.73
CA ALA C 118 17.66 8.72 -21.44
C ALA C 118 16.63 8.50 -22.53
N LYS C 119 16.03 7.32 -22.52
CA LYS C 119 15.08 6.92 -23.54
C LYS C 119 13.65 7.27 -23.11
N THR C 120 12.84 7.64 -24.09
CA THR C 120 11.39 7.77 -23.93
C THR C 120 10.76 6.43 -23.57
N THR C 121 10.08 6.40 -22.42
CA THR C 121 9.42 5.21 -21.91
C THR C 121 7.91 5.46 -21.81
N PRO C 122 7.07 4.67 -22.48
CA PRO C 122 5.62 4.89 -22.39
C PRO C 122 5.09 4.44 -21.04
N PRO C 123 3.92 4.93 -20.63
CA PRO C 123 3.40 4.62 -19.28
C PRO C 123 2.59 3.33 -19.23
N SER C 124 2.69 2.63 -18.09
CA SER C 124 1.71 1.61 -17.77
C SER C 124 0.52 2.29 -17.10
N VAL C 125 -0.70 1.92 -17.49
CA VAL C 125 -1.91 2.54 -16.97
C VAL C 125 -2.71 1.51 -16.20
N TYR C 126 -2.98 1.79 -14.93
CA TYR C 126 -3.62 0.87 -14.01
C TYR C 126 -4.90 1.45 -13.45
N PRO C 127 -6.00 0.70 -13.49
CA PRO C 127 -7.26 1.20 -12.89
C PRO C 127 -7.18 1.21 -11.36
N LEU C 128 -7.63 2.29 -10.76
CA LEU C 128 -7.85 2.32 -9.31
C LEU C 128 -9.37 2.35 -9.10
N ALA C 129 -9.95 1.20 -8.78
CA ALA C 129 -11.36 1.06 -8.48
C ALA C 129 -11.51 0.54 -7.05
N PRO C 130 -12.58 0.93 -6.36
CA PRO C 130 -12.70 0.56 -4.94
C PRO C 130 -12.96 -0.93 -4.75
N GLY C 131 -12.61 -1.40 -3.56
CA GLY C 131 -13.01 -2.71 -3.09
C GLY C 131 -14.49 -2.86 -2.76
N CYS C 132 -14.82 -3.65 -1.75
CA CYS C 132 -16.17 -4.19 -1.65
C CYS C 132 -16.85 -3.95 -0.30
N THR C 136 -20.35 1.87 1.48
CA THR C 136 -20.83 2.68 0.35
C THR C 136 -21.34 4.01 0.84
N GLY C 137 -21.16 5.06 0.04
CA GLY C 137 -21.58 6.40 0.40
C GLY C 137 -22.39 7.13 -0.66
N SER C 138 -22.40 8.46 -0.59
CA SER C 138 -23.16 9.26 -1.55
C SER C 138 -22.38 9.47 -2.85
N SER C 139 -21.07 9.60 -2.76
CA SER C 139 -20.21 9.68 -3.94
C SER C 139 -19.16 8.57 -3.90
N VAL C 140 -18.54 8.31 -5.06
CA VAL C 140 -17.51 7.28 -5.18
C VAL C 140 -16.30 7.88 -5.87
N THR C 141 -15.11 7.56 -5.37
CA THR C 141 -13.88 8.02 -6.00
C THR C 141 -13.21 6.91 -6.79
N LEU C 142 -12.83 7.21 -8.04
CA LEU C 142 -12.12 6.27 -8.89
C LEU C 142 -10.83 6.91 -9.41
N GLY C 143 -9.85 6.06 -9.76
CA GLY C 143 -8.55 6.56 -10.14
C GLY C 143 -7.94 5.81 -11.32
N CYS C 144 -6.91 6.43 -11.87
CA CYS C 144 -5.98 5.78 -12.78
C CYS C 144 -4.55 6.03 -12.31
N LEU C 145 -3.80 4.95 -12.20
CA LEU C 145 -2.39 4.98 -11.84
C LEU C 145 -1.56 4.88 -13.15
N VAL C 146 -0.70 5.87 -13.36
CA VAL C 146 0.05 6.01 -14.59
C VAL C 146 1.52 5.93 -14.20
N LYS C 147 2.17 4.81 -14.51
CA LYS C 147 3.43 4.44 -13.89
C LYS C 147 4.53 4.27 -14.93
N GLY C 148 5.75 4.62 -14.53
CA GLY C 148 6.95 4.37 -15.31
C GLY C 148 6.94 4.95 -16.70
N TYR C 149 7.01 6.27 -16.80
CA TYR C 149 7.05 6.91 -18.10
C TYR C 149 8.09 8.02 -18.06
N PHE C 150 8.60 8.37 -19.25
CA PHE C 150 9.61 9.40 -19.43
C PHE C 150 9.50 9.93 -20.85
N PRO C 151 9.57 11.26 -21.07
CA PRO C 151 9.64 12.35 -20.09
C PRO C 151 8.27 12.67 -19.44
N GLU C 152 8.28 13.64 -18.52
CA GLU C 152 7.18 13.96 -17.61
C GLU C 152 6.10 14.80 -18.29
N SER C 153 5.28 14.17 -19.14
CA SER C 153 4.29 14.98 -19.88
C SER C 153 3.12 14.07 -20.24
N VAL C 154 2.16 13.99 -19.32
CA VAL C 154 1.01 13.11 -19.47
C VAL C 154 -0.27 13.90 -19.25
N THR C 155 -1.36 13.33 -19.74
CA THR C 155 -2.65 14.03 -19.72
C THR C 155 -3.74 12.97 -19.56
N VAL C 156 -4.36 12.97 -18.39
CA VAL C 156 -5.45 12.06 -18.05
C VAL C 156 -6.76 12.77 -18.36
N THR C 157 -7.67 12.05 -19.00
CA THR C 157 -8.97 12.58 -19.41
C THR C 157 -10.06 11.61 -18.97
N TRP C 158 -10.91 12.05 -18.04
CA TRP C 158 -12.04 11.28 -17.57
C TRP C 158 -13.28 11.64 -18.38
N ASN C 159 -14.01 10.62 -18.82
CA ASN C 159 -15.19 10.75 -19.71
C ASN C 159 -15.32 12.07 -20.49
N LEU C 163 -15.91 16.04 -16.64
CA LEU C 163 -15.80 15.74 -15.21
C LEU C 163 -14.68 16.54 -14.53
N SER C 164 -14.39 17.72 -15.09
CA SER C 164 -13.14 18.42 -14.78
C SER C 164 -13.04 18.84 -13.32
N SER C 165 -14.16 19.25 -12.69
CA SER C 165 -14.09 19.83 -11.34
C SER C 165 -14.00 18.77 -10.25
N SER C 166 -14.64 17.60 -10.43
CA SER C 166 -14.58 16.51 -9.47
C SER C 166 -13.32 15.65 -9.62
N VAL C 167 -12.23 16.22 -10.14
CA VAL C 167 -11.03 15.47 -10.54
C VAL C 167 -9.83 16.05 -9.82
N HIS C 168 -8.94 15.19 -9.34
CA HIS C 168 -7.64 15.62 -8.82
C HIS C 168 -6.50 14.99 -9.62
N THR C 169 -5.54 15.82 -10.01
CA THR C 169 -4.36 15.39 -10.74
C THR C 169 -3.16 15.50 -9.80
N PHE C 170 -2.57 14.37 -9.45
CA PHE C 170 -1.52 14.46 -8.45
C PHE C 170 -0.16 14.54 -9.12
N PRO C 171 0.72 15.43 -8.64
CA PRO C 171 2.01 15.64 -9.31
C PRO C 171 2.83 14.37 -9.38
N ALA C 172 3.48 14.17 -10.54
CA ALA C 172 4.26 12.97 -10.78
C ALA C 172 5.54 12.99 -9.97
N LEU C 173 5.93 11.83 -9.47
CA LEU C 173 7.16 11.65 -8.70
C LEU C 173 8.11 10.73 -9.48
N LEU C 174 9.38 10.73 -9.07
CA LEU C 174 10.43 9.97 -9.72
C LEU C 174 10.68 8.68 -8.93
N GLN C 175 10.70 7.56 -9.64
CA GLN C 175 10.81 6.22 -9.04
C GLN C 175 11.75 5.45 -9.96
N SER C 176 12.98 5.20 -9.50
CA SER C 176 14.02 4.53 -10.29
C SER C 176 14.15 5.17 -11.67
N GLY C 177 14.19 6.50 -11.69
CA GLY C 177 14.45 7.19 -12.94
C GLY C 177 13.29 7.31 -13.89
N LEU C 178 12.14 6.72 -13.56
CA LEU C 178 10.92 6.99 -14.33
C LEU C 178 9.91 7.69 -13.44
N TYR C 179 8.90 8.25 -14.10
CA TYR C 179 7.86 9.02 -13.46
C TYR C 179 6.63 8.16 -13.22
N THR C 180 5.94 8.42 -12.11
CA THR C 180 4.65 7.86 -11.77
C THR C 180 3.74 9.00 -11.32
N MET C 181 2.57 9.11 -11.91
CA MET C 181 1.55 10.02 -11.41
C MET C 181 0.25 9.24 -11.17
N SER C 182 -0.75 9.91 -10.57
CA SER C 182 -2.11 9.38 -10.40
C SER C 182 -3.15 10.48 -10.60
N SER C 183 -4.35 10.07 -11.00
CA SER C 183 -5.48 10.99 -11.12
C SER C 183 -6.76 10.37 -10.53
N SER C 184 -7.47 11.14 -9.69
CA SER C 184 -8.74 10.72 -9.09
C SER C 184 -9.92 11.49 -9.68
N VAL C 185 -11.04 10.79 -9.81
CA VAL C 185 -12.33 11.36 -10.20
C VAL C 185 -13.40 10.94 -9.17
N THR C 186 -14.20 11.89 -8.70
CA THR C 186 -15.29 11.57 -7.79
C THR C 186 -16.63 11.81 -8.49
N VAL C 187 -17.49 10.80 -8.50
CA VAL C 187 -18.82 10.93 -9.12
C VAL C 187 -19.88 10.44 -8.15
N PRO C 188 -21.15 10.78 -8.41
CA PRO C 188 -22.23 10.28 -7.53
C PRO C 188 -22.35 8.76 -7.61
N SER C 189 -22.45 8.12 -6.45
CA SER C 189 -22.50 6.66 -6.39
C SER C 189 -23.65 6.07 -7.18
N SER C 190 -24.61 6.90 -7.60
CA SER C 190 -25.70 6.41 -8.44
C SER C 190 -25.31 6.35 -9.91
N THR C 191 -24.24 7.05 -10.30
CA THR C 191 -23.77 7.11 -11.69
C THR C 191 -22.75 6.03 -12.03
N TRP C 192 -21.96 5.56 -11.06
CA TRP C 192 -21.06 4.44 -11.26
C TRP C 192 -21.31 3.39 -10.19
N PRO C 193 -21.30 2.09 -10.53
CA PRO C 193 -20.96 1.45 -11.82
C PRO C 193 -22.10 1.30 -12.82
N SER C 194 -23.05 2.24 -12.90
CA SER C 194 -24.16 2.12 -13.84
C SER C 194 -23.79 2.75 -15.19
N GLN C 195 -23.44 4.03 -15.19
CA GLN C 195 -22.85 4.67 -16.35
C GLN C 195 -21.34 4.42 -16.36
N THR C 196 -20.80 4.06 -17.53
CA THR C 196 -19.38 3.73 -17.62
C THR C 196 -18.51 4.95 -17.36
N VAL C 197 -17.39 4.73 -16.69
CA VAL C 197 -16.37 5.77 -16.54
C VAL C 197 -15.06 5.20 -17.06
N THR C 198 -14.33 6.02 -17.82
CA THR C 198 -13.07 5.64 -18.43
C THR C 198 -12.08 6.77 -18.26
N CYS C 199 -10.84 6.43 -17.94
CA CYS C 199 -9.76 7.39 -18.03
C CYS C 199 -8.99 7.13 -19.32
N SER C 200 -8.64 8.22 -20.00
CA SER C 200 -7.89 8.16 -21.25
C SER C 200 -6.57 8.88 -21.01
N VAL C 201 -5.48 8.14 -21.14
CA VAL C 201 -4.15 8.64 -20.79
C VAL C 201 -3.36 8.86 -22.07
N ALA C 202 -2.72 10.03 -22.15
CA ALA C 202 -2.01 10.47 -23.34
C ALA C 202 -0.58 10.78 -22.93
N HIS C 203 0.37 10.07 -23.55
CA HIS C 203 1.81 10.35 -23.45
C HIS C 203 2.28 10.75 -24.84
N PRO C 204 2.21 12.03 -25.20
CA PRO C 204 2.57 12.42 -26.58
C PRO C 204 4.01 12.06 -26.96
N ALA C 205 4.94 12.21 -26.02
CA ALA C 205 6.34 11.84 -26.23
C ALA C 205 6.49 10.49 -26.92
N SER C 206 5.61 9.53 -26.60
CA SER C 206 5.70 8.18 -27.11
C SER C 206 4.54 7.83 -28.03
N SER C 207 3.76 8.82 -28.46
CA SER C 207 2.65 8.61 -29.39
C SER C 207 1.72 7.50 -28.91
N THR C 208 1.50 7.48 -27.60
CA THR C 208 0.73 6.44 -26.92
C THR C 208 -0.50 7.05 -26.27
N THR C 209 -1.63 6.38 -26.44
CA THR C 209 -2.85 6.70 -25.72
C THR C 209 -3.48 5.41 -25.24
N VAL C 210 -3.79 5.34 -23.93
CA VAL C 210 -4.33 4.15 -23.28
C VAL C 210 -5.63 4.50 -22.58
N ASP C 211 -6.67 3.75 -22.87
CA ASP C 211 -8.00 4.02 -22.37
C ASP C 211 -8.43 2.85 -21.50
N LYS C 212 -8.75 3.15 -20.23
CA LYS C 212 -9.13 2.16 -19.23
C LYS C 212 -10.57 2.40 -18.77
N LYS C 213 -11.39 1.36 -18.87
CA LYS C 213 -12.74 1.36 -18.31
C LYS C 213 -12.69 0.85 -16.89
N LEU C 214 -13.15 1.67 -15.94
CA LEU C 214 -13.12 1.30 -14.53
C LEU C 214 -14.24 0.32 -14.23
N GLU C 215 -13.87 -0.83 -13.65
CA GLU C 215 -14.78 -1.94 -13.42
C GLU C 215 -14.97 -2.16 -11.93
N PRO C 216 -16.21 -2.43 -11.50
CA PRO C 216 -16.44 -2.73 -10.07
C PRO C 216 -15.82 -4.06 -9.67
N SER C 217 -15.12 -4.05 -8.54
CA SER C 217 -14.62 -5.29 -7.94
C SER C 217 -15.74 -6.07 -7.24
N ASP D 1 23.22 45.00 -14.24
CA ASP D 1 21.80 44.83 -14.50
C ASP D 1 20.98 45.43 -13.36
N ILE D 2 19.72 45.73 -13.64
CA ILE D 2 18.80 46.18 -12.61
C ILE D 2 18.31 44.98 -11.82
N VAL D 3 18.43 45.06 -10.50
CA VAL D 3 18.02 44.01 -9.58
C VAL D 3 16.66 44.37 -8.97
N MET D 4 15.70 43.47 -9.17
CA MET D 4 14.33 43.62 -8.70
C MET D 4 14.14 42.76 -7.46
N THR D 5 13.99 43.42 -6.31
CA THR D 5 13.91 42.75 -5.02
C THR D 5 12.46 42.76 -4.54
N GLN D 6 11.88 41.57 -4.39
CA GLN D 6 10.50 41.40 -3.96
C GLN D 6 10.46 40.84 -2.54
N SER D 7 9.63 41.45 -1.71
CA SER D 7 9.36 40.97 -0.37
C SER D 7 7.89 41.12 -0.08
N PRO D 8 7.34 40.31 0.83
CA PRO D 8 7.94 39.15 1.49
C PRO D 8 8.07 38.04 0.48
N SER D 9 8.75 36.92 0.77
CA SER D 9 8.79 35.84 -0.21
C SER D 9 7.45 35.12 -0.31
N SER D 10 6.68 35.10 0.77
CA SER D 10 5.40 34.37 0.83
C SER D 10 4.39 35.13 1.69
N LEU D 11 3.11 34.89 1.39
CA LEU D 11 2.02 35.66 1.96
C LEU D 11 0.80 34.76 2.06
N SER D 12 0.25 34.60 3.27
CA SER D 12 -0.90 33.72 3.51
C SER D 12 -1.99 34.45 4.26
N VAL D 13 -3.12 34.71 3.59
CA VAL D 13 -4.29 35.30 4.21
C VAL D 13 -5.55 34.58 3.70
N SER D 14 -6.64 34.80 4.42
CA SER D 14 -7.94 34.27 4.04
C SER D 14 -8.54 35.13 2.95
N ALA D 15 -9.39 34.52 2.13
CA ALA D 15 -10.16 35.29 1.16
C ALA D 15 -10.84 36.48 1.86
N GLY D 16 -10.84 37.62 1.18
CA GLY D 16 -11.42 38.84 1.67
C GLY D 16 -10.44 39.77 2.34
N GLU D 17 -9.38 39.23 2.95
CA GLU D 17 -8.34 40.08 3.50
C GLU D 17 -7.54 40.82 2.41
N LYS D 18 -6.65 41.71 2.82
CA LYS D 18 -5.96 42.61 1.93
C LYS D 18 -4.45 42.38 2.08
N VAL D 19 -3.75 42.38 0.95
CA VAL D 19 -2.30 42.13 0.93
C VAL D 19 -1.60 43.21 0.12
N THR D 20 -0.49 43.68 0.66
CA THR D 20 0.48 44.46 -0.06
C THR D 20 1.73 43.62 -0.28
N MET D 21 2.40 43.86 -1.42
CA MET D 21 3.65 43.19 -1.76
C MET D 21 4.62 44.26 -2.22
N SER D 22 5.87 44.15 -1.79
CA SER D 22 6.88 45.14 -2.15
C SER D 22 7.75 44.67 -3.32
N CYS D 23 8.13 45.61 -4.18
CA CYS D 23 9.11 45.39 -5.24
C CYS D 23 10.01 46.61 -5.30
N LYS D 24 11.32 46.41 -5.16
CA LYS D 24 12.28 47.50 -5.12
C LYS D 24 13.43 47.22 -6.09
N SER D 25 13.72 48.19 -6.94
CA SER D 25 14.76 48.10 -7.96
C SER D 25 16.02 48.84 -7.51
N SER D 26 17.17 48.29 -7.92
CA SER D 26 18.48 48.90 -7.67
C SER D 26 18.63 50.26 -8.34
N GLN D 27 17.70 50.62 -9.22
CA GLN D 27 17.82 51.81 -10.03
C GLN D 27 16.40 52.30 -10.33
N SER D 28 16.20 53.61 -10.29
CA SER D 28 14.89 54.16 -10.61
C SER D 28 14.43 53.67 -11.98
N LEU D 29 13.15 53.29 -12.08
CA LEU D 29 12.56 52.90 -13.34
C LEU D 29 11.74 54.02 -13.99
N LEU D 30 12.03 55.25 -13.64
CA LEU D 30 11.27 56.41 -14.11
C LEU D 30 12.03 57.11 -15.22
N ASN D 31 11.42 57.21 -16.41
CA ASN D 31 11.86 58.17 -17.43
C ASN D 31 11.25 59.52 -17.07
N SER D 32 12.10 60.49 -16.72
CA SER D 32 11.63 61.77 -16.18
C SER D 32 10.72 62.49 -17.17
N GLY D 33 11.06 62.44 -18.47
CA GLY D 33 10.24 63.09 -19.46
C GLY D 33 8.82 62.55 -19.51
N HIS D 34 8.70 61.22 -19.53
CA HIS D 34 7.38 60.61 -19.72
C HIS D 34 6.50 60.69 -18.48
N GLN D 35 7.07 60.84 -17.29
CA GLN D 35 6.33 60.72 -16.02
C GLN D 35 5.72 59.31 -15.89
N LYS D 36 6.48 58.29 -16.29
CA LYS D 36 6.03 56.91 -16.23
C LYS D 36 7.12 56.06 -15.61
N ASN D 37 6.71 55.15 -14.73
CA ASN D 37 7.61 54.13 -14.23
C ASN D 37 7.42 52.88 -15.07
N TYR D 38 8.52 52.34 -15.59
CA TYR D 38 8.45 51.23 -16.55
C TYR D 38 8.61 49.93 -15.78
N LEU D 39 7.50 49.53 -15.17
CA LEU D 39 7.43 48.47 -14.16
C LEU D 39 6.18 47.66 -14.43
N ALA D 40 6.33 46.36 -14.66
CA ALA D 40 5.21 45.47 -14.88
C ALA D 40 5.01 44.53 -13.69
N TRP D 41 3.79 44.00 -13.57
CA TRP D 41 3.40 43.01 -12.56
C TRP D 41 2.76 41.82 -13.25
N TYR D 42 3.22 40.61 -12.92
CA TYR D 42 2.66 39.41 -13.52
C TYR D 42 2.06 38.49 -12.46
N GLN D 43 1.12 37.67 -12.91
CA GLN D 43 0.44 36.67 -12.09
C GLN D 43 0.64 35.30 -12.69
N GLN D 44 1.24 34.39 -11.93
CA GLN D 44 1.46 33.04 -12.44
C GLN D 44 0.68 32.06 -11.56
N LYS D 45 -0.42 31.61 -12.08
CA LYS D 45 -1.20 30.58 -11.42
C LYS D 45 -0.56 29.22 -11.68
N PRO D 46 -0.64 28.33 -10.69
CA PRO D 46 0.06 27.03 -10.77
C PRO D 46 -0.12 26.31 -12.11
N GLY D 47 0.99 25.84 -12.66
CA GLY D 47 0.95 25.16 -13.95
C GLY D 47 0.54 26.00 -15.12
N GLN D 48 0.51 27.33 -14.99
CA GLN D 48 0.10 28.20 -16.09
C GLN D 48 1.23 29.13 -16.53
N PRO D 49 1.17 29.64 -17.75
CA PRO D 49 2.09 30.71 -18.13
C PRO D 49 1.76 31.97 -17.34
N PRO D 50 2.72 32.85 -17.14
CA PRO D 50 2.43 34.10 -16.44
C PRO D 50 1.49 34.98 -17.24
N LYS D 51 0.78 35.84 -16.53
CA LYS D 51 -0.23 36.73 -17.08
C LYS D 51 0.08 38.14 -16.64
N LEU D 52 0.08 39.08 -17.58
CA LEU D 52 0.33 40.48 -17.25
C LEU D 52 -0.88 41.07 -16.54
N LEU D 53 -0.66 41.64 -15.36
CA LEU D 53 -1.68 42.34 -14.60
C LEU D 53 -1.60 43.85 -14.82
N ILE D 54 -0.44 44.42 -14.50
CA ILE D 54 -0.25 45.86 -14.51
C ILE D 54 1.04 46.19 -15.27
N SER D 55 0.99 47.25 -16.08
CA SER D 55 2.16 47.80 -16.75
C SER D 55 2.28 49.27 -16.37
N GLY D 56 3.46 49.84 -16.58
CA GLY D 56 3.65 51.23 -16.20
C GLY D 56 3.32 51.50 -14.75
N ALA D 57 3.62 50.53 -13.87
CA ALA D 57 3.44 50.61 -12.42
C ALA D 57 1.98 50.63 -11.95
N SER D 58 1.06 51.15 -12.75
CA SER D 58 -0.28 51.44 -12.25
C SER D 58 -1.40 51.19 -13.24
N THR D 59 -1.10 50.82 -14.48
CA THR D 59 -2.14 50.64 -15.49
C THR D 59 -2.57 49.18 -15.51
N ARG D 60 -3.80 48.92 -15.07
CA ARG D 60 -4.36 47.58 -15.19
C ARG D 60 -4.66 47.24 -16.65
N GLU D 61 -4.31 46.01 -17.04
CA GLU D 61 -4.76 45.43 -18.31
C GLU D 61 -6.27 45.13 -18.28
N SER D 62 -6.89 45.19 -19.46
CA SER D 62 -8.32 44.90 -19.58
C SER D 62 -8.62 43.46 -19.20
N GLY D 63 -9.56 43.29 -18.29
CA GLY D 63 -9.86 42.00 -17.71
C GLY D 63 -9.29 41.80 -16.33
N VAL D 64 -8.41 42.69 -15.89
CA VAL D 64 -7.81 42.61 -14.57
C VAL D 64 -8.73 43.35 -13.59
N PRO D 65 -9.29 42.67 -12.60
CA PRO D 65 -10.25 43.36 -11.71
C PRO D 65 -9.59 44.45 -10.87
N ASP D 66 -10.37 45.50 -10.61
CA ASP D 66 -9.91 46.70 -9.93
C ASP D 66 -9.43 46.44 -8.50
N ARG D 67 -9.52 45.21 -8.00
CA ARG D 67 -8.96 44.88 -6.69
C ARG D 67 -7.44 44.80 -6.72
N PHE D 68 -6.86 44.57 -7.89
CA PHE D 68 -5.42 44.70 -8.09
C PHE D 68 -5.09 46.17 -8.34
N THR D 69 -4.21 46.73 -7.51
CA THR D 69 -3.80 48.13 -7.61
C THR D 69 -2.29 48.19 -7.51
N GLY D 70 -1.63 48.55 -8.60
CA GLY D 70 -0.19 48.79 -8.56
C GLY D 70 0.08 50.26 -8.24
N SER D 71 1.14 50.48 -7.46
CA SER D 71 1.45 51.83 -6.99
C SER D 71 2.95 51.94 -6.73
N GLY D 72 3.37 53.12 -6.30
CA GLY D 72 4.78 53.42 -6.08
C GLY D 72 5.39 54.20 -7.23
N SER D 73 6.61 54.66 -7.02
CA SER D 73 7.30 55.47 -8.01
C SER D 73 8.79 55.45 -7.73
N GLY D 74 9.59 55.44 -8.82
CA GLY D 74 11.03 55.49 -8.75
C GLY D 74 11.67 54.14 -8.52
N THR D 75 12.02 53.86 -7.26
CA THR D 75 12.60 52.59 -6.86
C THR D 75 11.67 51.71 -6.04
N ASP D 76 10.68 52.26 -5.33
CA ASP D 76 9.84 51.51 -4.39
C ASP D 76 8.43 51.35 -4.97
N PHE D 77 8.02 50.10 -5.19
CA PHE D 77 6.73 49.77 -5.75
C PHE D 77 6.00 48.77 -4.86
N THR D 78 4.69 48.71 -5.04
CA THR D 78 3.82 47.81 -4.29
C THR D 78 2.71 47.32 -5.20
N LEU D 79 2.39 46.04 -5.08
CA LEU D 79 1.14 45.50 -5.58
C LEU D 79 0.18 45.34 -4.42
N THR D 80 -1.08 45.64 -4.65
CA THR D 80 -2.06 45.61 -3.59
C THR D 80 -3.31 44.90 -4.08
N ILE D 81 -3.79 43.96 -3.26
CA ILE D 81 -5.07 43.32 -3.45
C ILE D 81 -5.94 43.69 -2.25
N SER D 82 -7.04 44.35 -2.52
CA SER D 82 -8.14 44.53 -1.59
C SER D 82 -9.05 43.31 -1.73
N SER D 83 -9.29 42.59 -0.63
CA SER D 83 -10.03 41.33 -0.65
C SER D 83 -9.46 40.29 -1.65
N VAL D 84 -8.39 39.63 -1.20
CA VAL D 84 -7.87 38.43 -1.84
C VAL D 84 -9.02 37.48 -2.12
N GLN D 85 -8.97 36.83 -3.27
CA GLN D 85 -9.92 35.82 -3.67
C GLN D 85 -9.23 34.46 -3.83
N ALA D 86 -10.05 33.39 -3.80
CA ALA D 86 -9.49 32.04 -3.79
C ALA D 86 -8.66 31.78 -5.02
N GLU D 87 -9.16 32.19 -6.18
CA GLU D 87 -8.53 32.06 -7.49
C GLU D 87 -7.30 32.95 -7.68
N ASP D 88 -7.03 33.87 -6.73
CA ASP D 88 -5.81 34.66 -6.69
C ASP D 88 -4.63 33.90 -6.12
N LEU D 89 -4.78 32.60 -5.91
CA LEU D 89 -3.65 31.75 -5.59
C LEU D 89 -2.66 31.84 -6.75
N ALA D 90 -1.47 32.43 -6.53
CA ALA D 90 -0.51 32.58 -7.62
C ALA D 90 0.83 33.05 -7.08
N VAL D 91 1.82 33.03 -7.96
CA VAL D 91 3.09 33.72 -7.76
C VAL D 91 3.02 35.04 -8.51
N TYR D 92 3.41 36.13 -7.84
CA TYR D 92 3.36 37.47 -8.41
C TYR D 92 4.78 37.98 -8.67
N TYR D 93 5.05 38.38 -9.91
CA TYR D 93 6.39 38.80 -10.33
C TYR D 93 6.38 40.25 -10.78
N CYS D 94 7.30 41.05 -10.24
CA CYS D 94 7.56 42.34 -10.86
C CYS D 94 8.71 42.23 -11.87
N GLN D 95 8.76 43.22 -12.76
CA GLN D 95 9.73 43.19 -13.85
C GLN D 95 10.17 44.60 -14.18
N ASN D 96 11.48 44.78 -14.27
CA ASN D 96 12.07 45.95 -14.91
C ASN D 96 11.78 45.92 -16.40
N ASP D 97 10.96 46.88 -16.87
CA ASP D 97 10.70 47.08 -18.28
C ASP D 97 11.40 48.35 -18.80
N HIS D 98 12.54 48.70 -18.20
CA HIS D 98 13.16 50.01 -18.37
C HIS D 98 14.51 49.97 -19.07
N ARG D 99 15.35 49.00 -18.72
CA ARG D 99 16.72 48.94 -19.16
C ARG D 99 17.08 47.49 -19.37
N TYR D 100 17.53 47.17 -20.58
CA TYR D 100 18.08 45.86 -20.90
C TYR D 100 19.29 45.54 -20.04
N PRO D 101 19.48 44.28 -19.69
CA PRO D 101 18.57 43.14 -19.92
C PRO D 101 17.28 43.28 -19.07
N LEU D 102 16.13 42.83 -19.55
CA LEU D 102 14.95 42.79 -18.67
C LEU D 102 15.15 41.78 -17.56
N THR D 103 14.73 42.15 -16.37
CA THR D 103 14.96 41.35 -15.18
C THR D 103 13.67 41.27 -14.36
N PHE D 104 13.44 40.10 -13.79
CA PHE D 104 12.29 39.85 -12.95
C PHE D 104 12.71 39.79 -11.49
N GLY D 105 11.79 40.20 -10.60
CA GLY D 105 11.93 39.89 -9.19
C GLY D 105 11.80 38.39 -8.96
N ALA D 106 12.24 37.96 -7.76
CA ALA D 106 12.17 36.55 -7.42
C ALA D 106 10.74 36.09 -7.13
N GLY D 107 9.79 37.01 -7.10
CA GLY D 107 8.40 36.66 -6.88
C GLY D 107 7.97 36.71 -5.42
N THR D 108 6.67 36.89 -5.23
CA THR D 108 6.01 36.68 -3.94
C THR D 108 4.89 35.68 -4.15
N LYS D 109 4.92 34.58 -3.40
CA LYS D 109 3.90 33.55 -3.52
C LYS D 109 2.74 33.90 -2.59
N LEU D 110 1.54 33.95 -3.15
CA LEU D 110 0.33 34.28 -2.42
C LEU D 110 -0.48 33.01 -2.22
N GLU D 111 -0.64 32.61 -0.95
CA GLU D 111 -1.40 31.43 -0.55
C GLU D 111 -2.64 31.84 0.25
N LEU D 112 -3.68 31.02 0.15
CA LEU D 112 -4.93 31.24 0.85
C LEU D 112 -4.95 30.51 2.20
N LYS D 113 -5.53 31.17 3.19
CA LYS D 113 -5.98 30.48 4.39
C LYS D 113 -7.49 30.31 4.33
N ARG D 114 -7.99 29.48 5.23
CA ARG D 114 -9.39 29.08 5.27
C ARG D 114 -9.62 28.31 6.55
N ALA D 115 -10.89 27.99 6.81
CA ALA D 115 -11.20 27.14 7.93
C ALA D 115 -10.72 25.70 7.68
N ASP D 116 -10.52 24.96 8.78
CA ASP D 116 -10.14 23.57 8.67
C ASP D 116 -11.19 22.79 7.90
N ALA D 117 -10.72 21.81 7.14
CA ALA D 117 -11.55 20.98 6.28
C ALA D 117 -11.08 19.55 6.43
N ALA D 118 -12.03 18.65 6.61
CA ALA D 118 -11.55 17.29 6.85
C ALA D 118 -11.37 16.55 5.52
N PRO D 119 -10.40 15.64 5.45
CA PRO D 119 -10.16 14.90 4.20
C PRO D 119 -11.24 13.87 3.91
N THR D 120 -11.44 13.62 2.60
CA THR D 120 -12.14 12.43 2.10
C THR D 120 -11.09 11.38 1.75
N VAL D 121 -11.26 10.16 2.26
CA VAL D 121 -10.23 9.13 2.13
C VAL D 121 -10.74 7.98 1.26
N SER D 122 -9.88 7.53 0.33
CA SER D 122 -10.12 6.40 -0.57
C SER D 122 -8.91 5.50 -0.57
N ILE D 123 -9.14 4.19 -0.67
CA ILE D 123 -8.05 3.21 -0.70
C ILE D 123 -8.32 2.27 -1.85
N PHE D 124 -7.27 1.94 -2.60
CA PHE D 124 -7.44 1.13 -3.80
C PHE D 124 -6.43 -0.01 -3.80
N PRO D 125 -6.88 -1.24 -4.00
CA PRO D 125 -5.95 -2.34 -4.16
C PRO D 125 -5.20 -2.23 -5.48
N PRO D 126 -3.99 -2.80 -5.55
CA PRO D 126 -3.35 -3.03 -6.85
C PRO D 126 -4.31 -3.71 -7.81
N SER D 127 -4.42 -3.18 -9.03
CA SER D 127 -5.19 -3.89 -10.03
C SER D 127 -4.53 -5.23 -10.37
N SER D 128 -5.33 -6.17 -10.89
CA SER D 128 -4.74 -7.43 -11.35
C SER D 128 -3.74 -7.20 -12.48
N GLU D 129 -3.95 -6.17 -13.31
CA GLU D 129 -3.01 -5.84 -14.38
C GLU D 129 -1.60 -5.60 -13.84
N GLN D 130 -1.47 -4.70 -12.87
CA GLN D 130 -0.14 -4.42 -12.33
C GLN D 130 0.50 -5.69 -11.77
N LEU D 131 -0.32 -6.54 -11.15
CA LEU D 131 0.21 -7.73 -10.48
C LEU D 131 0.83 -8.70 -11.48
N THR D 132 0.24 -8.81 -12.68
CA THR D 132 0.89 -9.61 -13.72
C THR D 132 2.29 -9.10 -14.11
N SER D 133 2.67 -7.88 -13.72
CA SER D 133 4.04 -7.40 -13.90
C SER D 133 4.93 -7.65 -12.68
N GLY D 134 4.39 -8.17 -11.59
CA GLY D 134 5.20 -8.46 -10.42
C GLY D 134 5.46 -7.29 -9.49
N GLY D 135 4.75 -6.18 -9.66
CA GLY D 135 4.80 -5.09 -8.70
C GLY D 135 3.42 -4.85 -8.16
N ALA D 136 3.31 -4.19 -7.01
CA ALA D 136 2.00 -3.98 -6.38
C ALA D 136 1.96 -2.62 -5.71
N SER D 137 1.06 -1.76 -6.19
CA SER D 137 0.92 -0.42 -5.65
C SER D 137 -0.45 -0.27 -4.99
N VAL D 138 -0.44 0.04 -3.70
CA VAL D 138 -1.65 0.33 -2.93
C VAL D 138 -1.71 1.83 -2.75
N VAL D 139 -2.81 2.44 -3.17
CA VAL D 139 -2.90 3.90 -3.20
C VAL D 139 -4.03 4.38 -2.28
N CYS D 140 -3.73 5.42 -1.54
CA CYS D 140 -4.66 6.08 -0.66
C CYS D 140 -4.78 7.52 -1.15
N PHE D 141 -6.00 7.96 -1.47
CA PHE D 141 -6.30 9.36 -1.75
C PHE D 141 -6.85 10.05 -0.51
N LEU D 142 -6.35 11.25 -0.22
CA LEU D 142 -6.88 12.14 0.84
C LEU D 142 -7.21 13.48 0.20
N ASN D 143 -8.48 13.71 -0.11
CA ASN D 143 -8.88 14.79 -1.01
C ASN D 143 -9.57 15.91 -0.25
N ASN D 144 -9.15 17.17 -0.52
CA ASN D 144 -9.87 18.40 -0.15
C ASN D 144 -9.85 18.64 1.36
N PHE D 145 -8.66 18.61 1.94
CA PHE D 145 -8.48 18.88 3.35
C PHE D 145 -7.72 20.20 3.55
N TYR D 146 -7.73 20.69 4.79
CA TYR D 146 -6.99 21.88 5.19
C TYR D 146 -6.88 21.84 6.71
N PRO D 147 -5.69 22.10 7.29
CA PRO D 147 -4.46 22.59 6.66
C PRO D 147 -3.74 21.53 5.81
N LYS D 148 -2.70 21.98 5.10
CA LYS D 148 -1.99 21.12 4.15
C LYS D 148 -1.31 19.95 4.85
N ASP D 149 -0.67 20.20 5.99
CA ASP D 149 0.10 19.16 6.65
C ASP D 149 -0.79 18.00 7.09
N ILE D 150 -0.37 16.78 6.73
CA ILE D 150 -1.12 15.57 7.05
C ILE D 150 -0.14 14.39 7.02
N ASN D 151 -0.30 13.48 7.96
CA ASN D 151 0.61 12.37 8.16
C ASN D 151 -0.08 11.05 7.86
N VAL D 152 0.49 10.24 6.96
CA VAL D 152 -0.12 8.99 6.54
C VAL D 152 0.76 7.82 6.95
N LYS D 153 0.21 6.91 7.73
CA LYS D 153 0.87 5.66 8.07
C LYS D 153 0.23 4.48 7.32
N TRP D 154 1.06 3.56 6.86
CA TRP D 154 0.60 2.35 6.19
C TRP D 154 0.74 1.15 7.11
N LYS D 155 -0.27 0.31 7.16
CA LYS D 155 -0.22 -0.89 7.96
C LYS D 155 -0.55 -2.09 7.07
N ILE D 156 0.30 -3.10 7.14
CA ILE D 156 0.07 -4.39 6.50
C ILE D 156 -0.20 -5.40 7.59
N ASP D 157 -1.38 -6.00 7.56
CA ASP D 157 -1.76 -7.01 8.55
C ASP D 157 -1.52 -6.51 9.97
N GLY D 158 -1.86 -5.25 10.21
CA GLY D 158 -1.65 -4.64 11.50
C GLY D 158 -0.28 -4.04 11.76
N SER D 159 0.75 -4.44 11.01
CA SER D 159 2.10 -3.94 11.27
C SER D 159 2.42 -2.74 10.38
N GLU D 160 2.92 -1.68 11.00
CA GLU D 160 3.29 -0.50 10.23
C GLU D 160 4.36 -0.84 9.21
N ARG D 161 4.19 -0.34 8.00
CA ARG D 161 5.19 -0.46 6.94
C ARG D 161 5.68 0.93 6.57
N GLN D 162 6.98 1.16 6.69
CA GLN D 162 7.52 2.49 6.49
C GLN D 162 8.19 2.69 5.16
N ASN D 163 8.77 1.65 4.58
CA ASN D 163 9.48 1.78 3.31
C ASN D 163 8.56 1.50 2.13
N GLY D 164 8.85 2.16 1.02
CA GLY D 164 8.08 1.99 -0.19
C GLY D 164 6.91 2.93 -0.33
N VAL D 165 6.82 3.99 0.47
CA VAL D 165 5.69 4.91 0.42
C VAL D 165 6.09 6.16 -0.34
N LEU D 166 5.24 6.60 -1.26
CA LEU D 166 5.42 7.83 -2.00
C LEU D 166 4.21 8.71 -1.78
N ASN D 167 4.45 9.93 -1.29
CA ASN D 167 3.41 10.92 -1.06
C ASN D 167 3.55 12.09 -2.04
N SER D 168 2.40 12.61 -2.50
CA SER D 168 2.40 13.67 -3.49
C SER D 168 1.19 14.58 -3.25
N TRP D 169 1.45 15.78 -2.72
CA TRP D 169 0.42 16.79 -2.52
C TRP D 169 0.10 17.53 -3.81
N THR D 170 -1.15 17.94 -3.95
CA THR D 170 -1.63 18.79 -5.03
C THR D 170 -1.35 20.25 -4.66
N ASP D 171 -1.29 21.10 -5.68
CA ASP D 171 -1.32 22.54 -5.41
C ASP D 171 -2.63 22.89 -4.72
N GLN D 172 -2.61 23.98 -3.97
CA GLN D 172 -3.82 24.44 -3.32
C GLN D 172 -4.92 24.67 -4.36
N ASP D 173 -6.13 24.24 -4.05
CA ASP D 173 -7.24 24.40 -4.98
C ASP D 173 -7.62 25.87 -5.08
N SER D 174 -7.77 26.34 -6.32
CA SER D 174 -8.11 27.73 -6.59
C SER D 174 -9.57 28.06 -6.28
N LYS D 175 -10.41 27.07 -6.01
CA LYS D 175 -11.81 27.33 -5.72
C LYS D 175 -12.15 27.26 -4.25
N ASP D 176 -11.65 26.26 -3.51
CA ASP D 176 -11.98 26.13 -2.09
C ASP D 176 -10.75 26.12 -1.20
N SER D 177 -9.57 26.39 -1.73
CA SER D 177 -8.34 26.57 -0.97
C SER D 177 -7.94 25.33 -0.18
N THR D 178 -8.40 24.16 -0.59
CA THR D 178 -7.95 22.94 0.06
C THR D 178 -6.82 22.28 -0.70
N TYR D 179 -6.19 21.33 -0.02
CA TYR D 179 -5.13 20.49 -0.55
C TYR D 179 -5.63 19.05 -0.68
N SER D 180 -5.16 18.36 -1.70
CA SER D 180 -5.40 16.92 -1.83
C SER D 180 -4.06 16.23 -2.01
N MET D 181 -4.04 14.97 -1.65
CA MET D 181 -2.78 14.29 -1.41
C MET D 181 -2.99 12.81 -1.70
N SER D 182 -2.04 12.20 -2.43
CA SER D 182 -2.05 10.76 -2.66
C SER D 182 -0.87 10.12 -1.91
N SER D 183 -1.08 8.88 -1.47
CA SER D 183 -0.06 8.14 -0.73
C SER D 183 -0.05 6.73 -1.28
N THR D 184 1.05 6.35 -1.91
CA THR D 184 1.15 5.08 -2.61
C THR D 184 2.15 4.19 -1.90
N LEU D 185 1.70 2.99 -1.53
CA LEU D 185 2.56 1.95 -1.00
C LEU D 185 2.93 0.99 -2.13
N THR D 186 4.23 0.77 -2.34
CA THR D 186 4.69 -0.14 -3.39
C THR D 186 5.42 -1.32 -2.80
N LEU D 187 4.90 -2.52 -3.06
CA LEU D 187 5.51 -3.79 -2.69
C LEU D 187 5.72 -4.65 -3.93
N THR D 188 6.55 -5.69 -3.79
CA THR D 188 6.54 -6.73 -4.82
C THR D 188 5.21 -7.46 -4.81
N LYS D 189 4.93 -8.16 -5.91
CA LYS D 189 3.72 -8.98 -5.97
C LYS D 189 3.75 -10.05 -4.90
N ASP D 190 4.91 -10.67 -4.70
CA ASP D 190 4.99 -11.77 -3.74
C ASP D 190 4.65 -11.29 -2.35
N GLU D 191 5.29 -10.21 -1.91
CA GLU D 191 4.98 -9.65 -0.60
C GLU D 191 3.49 -9.34 -0.47
N TYR D 192 2.95 -8.58 -1.41
CA TYR D 192 1.53 -8.23 -1.40
C TYR D 192 0.65 -9.45 -1.18
N GLU D 193 0.88 -10.50 -1.96
CA GLU D 193 -0.01 -11.65 -1.92
C GLU D 193 0.11 -12.43 -0.61
N ARG D 194 1.21 -12.26 0.13
CA ARG D 194 1.40 -12.97 1.39
C ARG D 194 0.61 -12.38 2.55
N HIS D 195 -0.20 -11.33 2.34
CA HIS D 195 -0.90 -10.64 3.42
C HIS D 195 -2.31 -10.27 3.00
N ASN D 196 -3.20 -10.12 3.98
CA ASN D 196 -4.61 -9.94 3.66
C ASN D 196 -5.08 -8.51 3.83
N SER D 197 -4.54 -7.80 4.81
CA SER D 197 -5.10 -6.56 5.32
C SER D 197 -4.20 -5.38 4.99
N TYR D 198 -4.78 -4.35 4.38
CA TYR D 198 -4.02 -3.15 4.01
C TYR D 198 -4.76 -1.90 4.50
N THR D 199 -4.03 -1.00 5.15
CA THR D 199 -4.63 0.15 5.82
C THR D 199 -3.78 1.39 5.63
N CYS D 200 -4.39 2.53 5.29
CA CYS D 200 -3.73 3.82 5.45
C CYS D 200 -4.42 4.63 6.56
N GLU D 201 -3.61 5.24 7.41
CA GLU D 201 -4.07 5.99 8.56
C GLU D 201 -3.56 7.43 8.45
N ALA D 202 -4.44 8.36 8.15
CA ALA D 202 -4.05 9.76 8.08
C ALA D 202 -4.30 10.44 9.44
N THR D 203 -3.25 11.05 9.99
CA THR D 203 -3.35 11.94 11.14
C THR D 203 -3.44 13.37 10.65
N HIS D 204 -4.55 14.03 10.94
CA HIS D 204 -4.84 15.37 10.47
C HIS D 204 -5.38 16.19 11.62
N LYS D 205 -5.40 17.51 11.44
CA LYS D 205 -5.84 18.38 12.51
C LYS D 205 -7.30 18.13 12.86
N THR D 206 -8.13 17.76 11.87
CA THR D 206 -9.57 17.79 12.05
C THR D 206 -10.11 16.64 12.89
N SER D 207 -9.27 15.67 13.28
CA SER D 207 -9.69 14.59 14.15
C SER D 207 -8.53 14.26 15.07
N THR D 208 -8.83 13.98 16.34
CA THR D 208 -7.78 13.51 17.23
C THR D 208 -7.59 12.00 17.16
N SER D 209 -8.32 11.31 16.30
CA SER D 209 -8.00 9.92 16.05
C SER D 209 -7.65 9.76 14.57
N PRO D 210 -6.80 8.80 14.21
CA PRO D 210 -6.41 8.63 12.80
C PRO D 210 -7.63 8.42 11.93
N ILE D 211 -7.55 8.94 10.71
CA ILE D 211 -8.55 8.67 9.69
C ILE D 211 -8.09 7.40 8.99
N VAL D 212 -8.83 6.30 9.16
CA VAL D 212 -8.39 5.02 8.63
C VAL D 212 -9.29 4.59 7.48
N LYS D 213 -8.67 4.05 6.44
CA LYS D 213 -9.44 3.33 5.45
C LYS D 213 -8.63 2.11 5.06
N SER D 214 -9.34 1.04 4.74
CA SER D 214 -8.73 -0.27 4.84
C SER D 214 -9.44 -1.21 3.90
N PHE D 215 -8.74 -2.32 3.58
CA PHE D 215 -9.37 -3.41 2.84
C PHE D 215 -8.64 -4.71 3.15
N ASN D 216 -9.36 -5.80 2.98
CA ASN D 216 -8.76 -7.12 2.93
C ASN D 216 -8.92 -7.68 1.52
N ARG D 217 -7.90 -8.38 1.03
CA ARG D 217 -8.05 -9.14 -0.20
C ARG D 217 -9.16 -10.19 -0.08
N ASN D 218 -9.51 -10.56 1.15
CA ASN D 218 -10.59 -11.49 1.49
C ASN D 218 -11.96 -11.06 1.01
N GLU D 219 -12.24 -9.76 0.95
CA GLU D 219 -13.54 -9.33 0.47
C GLU D 219 -13.66 -9.63 -1.02
N CYS D 220 -14.86 -10.00 -1.44
CA CYS D 220 -15.13 -10.34 -2.84
C CYS D 220 -14.01 -11.17 -3.45
S SO4 E . -11.44 -27.28 37.00
O1 SO4 E . -10.47 -26.35 36.30
O2 SO4 E . -12.79 -26.62 37.13
O3 SO4 E . -11.56 -28.54 36.19
O4 SO4 E . -10.92 -27.61 38.37
S SO4 F . -0.10 -28.31 23.99
O1 SO4 F . 1.06 -27.62 24.65
O2 SO4 F . -1.14 -27.30 23.58
O3 SO4 F . 0.42 -29.00 22.76
O4 SO4 F . -0.74 -29.26 24.97
S SO4 G . -7.08 -3.41 45.04
O1 SO4 G . -5.64 -2.96 45.03
O2 SO4 G . -8.00 -2.25 45.28
O3 SO4 G . -7.39 -3.99 43.68
O4 SO4 G . -7.37 -4.45 46.11
S SO4 H . 5.55 -35.83 -26.48
O1 SO4 H . 6.99 -35.88 -26.89
O2 SO4 H . 4.97 -34.49 -26.82
O3 SO4 H . 4.79 -36.92 -27.15
O4 SO4 H . 5.47 -36.09 -24.99
S SO4 I . -6.91 32.99 -15.51
O1 SO4 I . -5.42 32.89 -15.40
O2 SO4 I . -7.37 34.03 -14.53
O3 SO4 I . -7.35 33.38 -16.89
O4 SO4 I . -7.51 31.64 -15.21
S SO4 J . -5.97 -10.67 -5.46
O1 SO4 J . -4.64 -11.21 -5.90
O2 SO4 J . -5.78 -9.46 -4.59
O3 SO4 J . -6.79 -10.27 -6.65
O4 SO4 J . -6.70 -11.77 -4.71
#